data_7D8S
#
_entry.id   7D8S
#
_cell.length_a   56.005
_cell.length_b   62.306
_cell.length_c   65.307
_cell.angle_alpha   90.120
_cell.angle_beta   72.740
_cell.angle_gamma   86.390
#
_symmetry.space_group_name_H-M   'P 1'
#
loop_
_entity.id
_entity.type
_entity.pdbx_description
1 polymer 'Microphthalmia-associated transcription factor,Methionyl-tRNA synthetase beta subunit'
2 non-polymer 'SULFATE ION'
3 water water
#
_entity_poly.entity_id   1
_entity_poly.type   'polypeptide(L)'
_entity_poly.pdbx_seq_one_letter_code
;SLAKERQKKDNHNLIERRRRFNINDRIKELGTLIPKSNDPDMRWNKGTILKASVDYIRKLQREQQRAKELENRQKKLEHA
CRHLLLRIQELGIEDFLKVDLRVAKVLSAERVEGSEKLLKLTLSLGDEERTVVAGIAKYYTPEELVGKKIVIVANLKPRK
IFGIESQGMILAASDGENLSVIVPDRDVKEGAKLSAALE
;
_entity_poly.pdbx_strand_id   A,B,C,D
#
loop_
_chem_comp.id
_chem_comp.type
_chem_comp.name
_chem_comp.formula
SO4 non-polymer 'SULFATE ION' 'O4 S -2'
#
# COMPACT_ATOMS: atom_id res chain seq x y z
N HIS A 12 26.90 2.89 64.85
CA HIS A 12 26.11 3.78 65.71
C HIS A 12 25.73 5.06 64.99
N ASN A 13 24.88 5.86 65.65
CA ASN A 13 24.62 7.25 65.26
C ASN A 13 23.95 7.47 63.89
N LEU A 14 23.86 6.42 63.09
CA LEU A 14 23.28 6.53 61.76
C LEU A 14 22.15 5.53 61.59
N ILE A 15 21.03 5.98 61.05
CA ILE A 15 19.91 5.09 60.77
C ILE A 15 20.07 4.50 59.37
N GLU A 16 19.94 3.19 59.25
CA GLU A 16 20.11 2.51 57.97
C GLU A 16 18.85 2.61 57.12
N ARG A 20 16.48 3.07 49.18
CA ARG A 20 17.36 4.20 49.42
C ARG A 20 16.58 5.51 49.49
N PHE A 21 15.31 5.45 49.11
CA PHE A 21 14.43 6.61 49.10
C PHE A 21 13.13 6.22 49.80
N ASN A 22 12.45 7.18 50.43
CA ASN A 22 11.19 6.88 51.10
C ASN A 22 9.96 7.12 50.23
N ILE A 23 8.78 6.86 50.79
CA ILE A 23 7.52 6.96 50.07
C ILE A 23 7.30 8.36 49.47
N ASN A 24 7.51 9.38 50.29
CA ASN A 24 7.24 10.76 49.89
C ASN A 24 8.19 11.30 48.81
N ASP A 25 9.40 10.77 48.82
CA ASP A 25 10.39 11.15 47.78
C ASP A 25 9.89 10.59 46.45
N ARG A 26 9.52 9.31 46.45
CA ARG A 26 8.99 8.62 45.28
C ARG A 26 7.73 9.27 44.75
N ILE A 27 6.87 9.73 45.66
CA ILE A 27 5.62 10.39 45.29
C ILE A 27 5.88 11.78 44.69
N LYS A 28 6.85 12.51 45.24
CA LYS A 28 7.32 13.75 44.63
C LYS A 28 7.77 13.49 43.20
N GLU A 29 8.54 12.42 43.01
CA GLU A 29 9.08 12.04 41.71
C GLU A 29 7.95 11.74 40.71
N LEU A 30 7.00 10.91 41.13
CA LEU A 30 5.80 10.63 40.35
C LEU A 30 5.12 11.95 40.00
N GLY A 31 5.19 12.90 40.92
CA GLY A 31 4.68 14.24 40.68
C GLY A 31 5.44 14.96 39.58
N THR A 32 6.75 14.71 39.50
CA THR A 32 7.55 15.29 38.42
C THR A 32 7.15 14.70 37.08
N LEU A 33 6.83 13.41 37.07
CA LEU A 33 6.55 12.71 35.81
C LEU A 33 5.18 13.00 35.17
N ILE A 34 4.18 13.34 35.98
CA ILE A 34 2.81 13.51 35.51
C ILE A 34 2.50 14.93 35.00
N PRO A 35 1.55 15.04 34.05
CA PRO A 35 1.18 16.35 33.47
C PRO A 35 0.42 17.28 34.42
N LYS A 36 0.62 18.59 34.23
CA LYS A 36 -0.01 19.60 35.06
C LYS A 36 -1.51 19.72 34.83
N SER A 37 -2.23 20.08 35.89
CA SER A 37 -3.66 20.29 35.83
C SER A 37 -4.01 21.44 34.89
N ASN A 38 -3.20 22.49 34.92
CA ASN A 38 -3.43 23.68 34.11
C ASN A 38 -4.36 24.67 34.78
N ASP A 39 -4.78 24.35 36.00
CA ASP A 39 -5.59 25.27 36.80
C ASP A 39 -4.82 25.60 38.08
N PRO A 40 -4.72 26.88 38.40
CA PRO A 40 -3.93 27.29 39.57
C PRO A 40 -4.53 26.94 40.94
N ASP A 41 -5.86 26.86 41.01
CA ASP A 41 -6.54 26.56 42.28
C ASP A 41 -6.32 25.10 42.66
N MET A 42 -5.86 24.31 41.70
CA MET A 42 -5.67 22.88 41.88
C MET A 42 -4.78 22.52 43.06
N ARG A 43 -5.20 21.50 43.81
CA ARG A 43 -4.43 21.02 44.94
C ARG A 43 -3.86 19.65 44.63
N TRP A 44 -2.54 19.54 44.58
CA TRP A 44 -1.89 18.25 44.41
C TRP A 44 -1.36 17.75 45.73
N ASN A 45 -2.05 16.75 46.28
CA ASN A 45 -1.58 16.04 47.45
C ASN A 45 -1.08 14.68 47.01
N LYS A 46 -0.65 13.85 47.97
CA LYS A 46 -0.16 12.52 47.62
C LYS A 46 -1.26 11.68 46.96
N GLY A 47 -2.49 11.83 47.44
CA GLY A 47 -3.63 11.13 46.85
C GLY A 47 -3.88 11.47 45.40
N THR A 48 -3.95 12.77 45.11
CA THR A 48 -4.16 13.24 43.74
C THR A 48 -2.99 12.88 42.81
N ILE A 49 -1.77 12.92 43.35
CA ILE A 49 -0.58 12.55 42.58
C ILE A 49 -0.59 11.06 42.24
N LEU A 50 -0.95 10.22 43.22
CA LEU A 50 -1.01 8.78 43.00
C LEU A 50 -2.14 8.38 42.03
N LYS A 51 -3.31 8.97 42.22
CA LYS A 51 -4.44 8.73 41.31
C LYS A 51 -4.11 9.18 39.89
N ALA A 52 -3.51 10.36 39.77
CA ALA A 52 -3.09 10.87 38.47
C ALA A 52 -2.03 9.99 37.85
N SER A 53 -1.22 9.35 38.69
CA SER A 53 -0.20 8.41 38.23
C SER A 53 -0.84 7.16 37.65
N VAL A 54 -1.85 6.62 38.35
CA VAL A 54 -2.59 5.47 37.86
C VAL A 54 -3.25 5.78 36.50
N ASP A 55 -4.00 6.89 36.47
CA ASP A 55 -4.67 7.31 35.23
C ASP A 55 -3.68 7.53 34.08
N TYR A 56 -2.58 8.22 34.37
CA TYR A 56 -1.55 8.49 33.37
C TYR A 56 -0.98 7.18 32.83
N ILE A 57 -0.70 6.25 33.73
CA ILE A 57 -0.21 4.92 33.33
C ILE A 57 -1.18 4.20 32.39
N ARG A 58 -2.47 4.21 32.73
CA ARG A 58 -3.47 3.57 31.86
C ARG A 58 -3.57 4.24 30.49
N LYS A 59 -3.53 5.57 30.47
CA LYS A 59 -3.54 6.36 29.24
C LYS A 59 -2.36 5.97 28.35
N LEU A 60 -1.18 5.91 28.96
CA LEU A 60 0.05 5.55 28.26
C LEU A 60 -0.02 4.12 27.71
N GLN A 61 -0.60 3.22 28.49
CA GLN A 61 -0.76 1.83 28.05
C GLN A 61 -1.67 1.73 26.84
N ARG A 62 -2.79 2.47 26.86
CA ARG A 62 -3.67 2.52 25.70
C ARG A 62 -2.95 3.09 24.47
N GLU A 63 -2.18 4.16 24.67
CA GLU A 63 -1.38 4.73 23.59
C GLU A 63 -0.42 3.69 23.01
N GLN A 64 0.16 2.88 23.90
CA GLN A 64 1.09 1.84 23.51
C GLN A 64 0.43 0.76 22.66
N GLN A 65 -0.74 0.28 23.10
CA GLN A 65 -1.46 -0.73 22.33
C GLN A 65 -1.88 -0.19 20.96
N ARG A 66 -2.35 1.05 20.93
CA ARG A 66 -2.72 1.69 19.67
C ARG A 66 -1.53 1.76 18.72
N ALA A 67 -0.38 2.16 19.27
CA ALA A 67 0.86 2.20 18.51
C ALA A 67 1.21 0.83 17.95
N LYS A 68 0.99 -0.21 18.76
CA LYS A 68 1.27 -1.58 18.33
C LYS A 68 0.37 -2.00 17.17
N GLU A 69 -0.91 -1.64 17.25
CA GLU A 69 -1.83 -1.93 16.14
C GLU A 69 -1.42 -1.22 14.85
N LEU A 70 -1.09 0.06 14.98
CA LEU A 70 -0.57 0.83 13.84
C LEU A 70 0.64 0.15 13.21
N GLU A 71 1.59 -0.25 14.05
CA GLU A 71 2.79 -0.95 13.61
C GLU A 71 2.47 -2.25 12.84
N ASN A 72 1.60 -3.08 13.43
CA ASN A 72 1.18 -4.33 12.81
C ASN A 72 0.58 -4.10 11.42
N ARG A 73 -0.32 -3.13 11.32
CA ARG A 73 -0.95 -2.83 10.05
C ARG A 73 0.02 -2.28 9.01
N GLN A 74 1.00 -1.50 9.46
CA GLN A 74 2.05 -1.02 8.56
C GLN A 74 2.90 -2.17 8.04
N LYS A 75 3.19 -3.14 8.92
CA LYS A 75 3.88 -4.36 8.52
C LYS A 75 3.09 -5.09 7.43
N LYS A 76 1.77 -5.16 7.60
CA LYS A 76 0.94 -5.83 6.59
C LYS A 76 0.90 -5.09 5.25
N LEU A 77 0.84 -3.76 5.29
CA LEU A 77 0.94 -2.97 4.06
C LEU A 77 2.28 -3.21 3.36
N GLU A 78 3.34 -3.26 4.16
CA GLU A 78 4.69 -3.55 3.65
C GLU A 78 4.73 -4.93 2.98
N HIS A 79 4.09 -5.90 3.62
CA HIS A 79 4.04 -7.27 3.09
C HIS A 79 3.32 -7.30 1.74
N ALA A 80 2.14 -6.69 1.69
CA ALA A 80 1.36 -6.61 0.47
C ALA A 80 2.13 -5.94 -0.66
N CYS A 81 2.80 -4.84 -0.33
CA CYS A 81 3.62 -4.13 -1.30
C CYS A 81 4.76 -4.99 -1.82
N ARG A 82 5.47 -5.67 -0.92
CA ARG A 82 6.58 -6.53 -1.33
C ARG A 82 6.13 -7.69 -2.20
N HIS A 83 5.00 -8.29 -1.88
CA HIS A 83 4.49 -9.38 -2.71
C HIS A 83 3.87 -8.85 -4.02
N LEU A 84 3.57 -7.56 -4.07
CA LEU A 84 3.18 -6.92 -5.34
C LEU A 84 4.39 -6.67 -6.24
N LEU A 85 5.45 -6.09 -5.66
CA LEU A 85 6.70 -5.79 -6.35
C LEU A 85 7.34 -7.04 -6.95
N LEU A 86 6.91 -8.19 -6.44
CA LEU A 86 7.53 -9.49 -6.74
C LEU A 86 7.59 -9.78 -8.23
N ARG A 87 8.79 -10.12 -8.69
CA ARG A 87 9.02 -10.53 -10.07
C ARG A 87 9.14 -12.05 -10.09
N ILE A 88 8.69 -12.67 -11.17
CA ILE A 88 8.67 -14.13 -11.25
C ILE A 88 10.04 -14.77 -11.05
N GLN A 89 11.11 -14.00 -11.27
CA GLN A 89 12.46 -14.53 -11.18
C GLN A 89 12.94 -14.66 -9.72
N GLU A 90 12.33 -13.89 -8.83
CA GLU A 90 12.76 -13.90 -7.44
C GLU A 90 11.84 -14.77 -6.58
N LEU A 91 12.36 -15.92 -6.17
CA LEU A 91 11.66 -16.90 -5.37
C LEU A 91 12.63 -17.53 -4.39
N GLY A 92 12.22 -17.68 -3.12
CA GLY A 92 13.07 -18.30 -2.13
C GLY A 92 14.07 -17.34 -1.51
N ILE A 93 14.05 -16.10 -1.97
CA ILE A 93 14.93 -15.06 -1.44
C ILE A 93 14.33 -14.11 -0.36
N GLU A 94 13.14 -14.41 0.12
CA GLU A 94 12.31 -13.49 0.92
C GLU A 94 13.05 -12.68 1.99
N ASP A 95 13.96 -13.33 2.72
CA ASP A 95 14.72 -12.64 3.76
C ASP A 95 15.57 -11.51 3.17
N PHE A 96 15.98 -11.64 1.92
CA PHE A 96 16.69 -10.56 1.24
C PHE A 96 15.72 -9.45 0.82
N LEU A 97 14.57 -9.85 0.29
CA LEU A 97 13.58 -8.90 -0.19
C LEU A 97 13.05 -8.03 0.94
N LYS A 98 13.05 -8.57 2.16
CA LYS A 98 12.58 -7.81 3.31
C LYS A 98 13.49 -6.62 3.64
N VAL A 99 14.79 -6.76 3.36
CA VAL A 99 15.74 -5.67 3.54
C VAL A 99 15.53 -4.61 2.48
N ASP A 100 15.31 -3.37 2.89
CA ASP A 100 15.11 -2.29 1.94
C ASP A 100 16.41 -1.55 1.82
N LEU A 101 17.08 -1.75 0.69
CA LEU A 101 18.38 -1.12 0.44
C LEU A 101 18.17 0.08 -0.45
N ARG A 102 18.69 1.23 -0.03
CA ARG A 102 18.43 2.47 -0.74
C ARG A 102 19.71 3.24 -1.07
N VAL A 103 19.69 3.91 -2.21
CA VAL A 103 20.70 4.90 -2.55
C VAL A 103 20.27 6.21 -1.90
N ALA A 104 21.14 6.78 -1.09
CA ALA A 104 20.84 8.04 -0.43
C ALA A 104 22.02 8.99 -0.63
N LYS A 105 21.73 10.26 -0.88
CA LYS A 105 22.78 11.22 -1.13
C LYS A 105 23.16 11.97 0.15
N VAL A 106 24.45 12.06 0.45
CA VAL A 106 24.84 12.73 1.70
C VAL A 106 24.80 14.24 1.50
N LEU A 107 23.89 14.88 2.22
CA LEU A 107 23.75 16.33 2.22
C LEU A 107 24.72 16.99 3.19
N SER A 108 24.82 16.41 4.38
CA SER A 108 25.73 16.93 5.40
C SER A 108 26.22 15.84 6.35
N ALA A 109 27.39 16.10 6.93
CA ALA A 109 27.98 15.22 7.92
C ALA A 109 28.68 16.07 8.97
N GLU A 110 28.58 15.67 10.24
CA GLU A 110 29.33 16.33 11.29
C GLU A 110 29.72 15.35 12.38
N ARG A 111 30.79 15.69 13.10
CA ARG A 111 31.27 14.86 14.19
C ARG A 111 30.22 14.78 15.29
N VAL A 112 30.23 13.70 16.05
CA VAL A 112 29.31 13.55 17.17
C VAL A 112 30.04 13.85 18.48
N GLU A 113 29.57 14.85 19.20
CA GLU A 113 30.22 15.27 20.44
C GLU A 113 30.29 14.12 21.45
N GLY A 114 31.49 13.84 21.94
CA GLY A 114 31.68 12.77 22.90
C GLY A 114 32.23 11.50 22.29
N SER A 115 32.19 11.40 20.97
CA SER A 115 32.68 10.21 20.26
C SER A 115 33.60 10.58 19.10
N GLU A 116 34.68 9.82 18.95
CA GLU A 116 35.53 9.95 17.78
C GLU A 116 35.22 8.88 16.72
N LYS A 117 34.35 7.94 17.09
CA LYS A 117 33.93 6.88 16.18
C LYS A 117 32.79 7.31 15.26
N LEU A 118 31.92 8.18 15.79
CA LEU A 118 30.60 8.41 15.19
C LEU A 118 30.49 9.68 14.36
N LEU A 119 29.73 9.58 13.27
CA LEU A 119 29.35 10.73 12.46
C LEU A 119 27.84 10.81 12.37
N LYS A 120 27.30 12.03 12.40
CA LYS A 120 25.89 12.23 12.13
C LYS A 120 25.71 12.68 10.68
N LEU A 121 24.92 11.95 9.93
CA LEU A 121 24.73 12.20 8.51
C LEU A 121 23.29 12.62 8.20
N THR A 122 23.15 13.67 7.40
CA THR A 122 21.85 14.05 6.85
C THR A 122 21.80 13.52 5.42
N LEU A 123 20.80 12.71 5.12
CA LEU A 123 20.72 11.99 3.86
C LEU A 123 19.46 12.35 3.09
N SER A 124 19.57 12.39 1.76
CA SER A 124 18.43 12.66 0.88
C SER A 124 18.04 11.40 0.13
N LEU A 125 16.79 11.00 0.37
CA LEU A 125 16.15 9.86 -0.30
C LEU A 125 15.26 10.24 -1.50
N GLY A 126 15.43 11.46 -2.03
CA GLY A 126 14.43 12.08 -2.86
C GLY A 126 13.36 12.73 -2.02
N ASP A 127 12.10 12.30 -2.17
CA ASP A 127 10.97 12.97 -1.52
C ASP A 127 11.24 13.31 -0.05
N GLU A 128 11.95 12.44 0.65
CA GLU A 128 12.22 12.62 2.07
C GLU A 128 13.70 12.60 2.44
N GLU A 129 14.00 13.06 3.65
CA GLU A 129 15.35 13.02 4.18
C GLU A 129 15.42 12.18 5.46
N ARG A 130 16.61 11.68 5.78
CA ARG A 130 16.80 10.84 6.95
C ARG A 130 18.02 11.30 7.73
N THR A 131 17.99 11.13 9.06
CA THR A 131 19.19 11.36 9.86
C THR A 131 19.74 10.00 10.30
N VAL A 132 21.01 9.75 10.00
CA VAL A 132 21.63 8.45 10.32
C VAL A 132 22.99 8.60 11.00
N VAL A 133 23.21 7.87 12.09
CA VAL A 133 24.50 7.85 12.77
C VAL A 133 25.36 6.68 12.27
N ALA A 134 26.56 6.98 11.78
CA ALA A 134 27.44 5.94 11.25
C ALA A 134 28.74 5.83 12.05
N GLY A 135 29.34 4.65 12.05
CA GLY A 135 30.52 4.38 12.85
C GLY A 135 31.83 4.63 12.12
N ILE A 136 31.78 5.47 11.09
CA ILE A 136 32.91 5.63 10.17
C ILE A 136 33.87 6.80 10.41
N ALA A 137 33.68 7.56 11.48
CA ALA A 137 34.49 8.78 11.72
C ALA A 137 36.01 8.59 11.67
N LYS A 138 36.49 7.44 12.11
CA LYS A 138 37.92 7.16 12.05
C LYS A 138 38.40 7.14 10.60
N TYR A 139 37.66 6.45 9.74
CA TYR A 139 38.03 6.27 8.35
C TYR A 139 37.64 7.43 7.40
N TYR A 140 36.47 8.02 7.63
CA TYR A 140 35.97 9.08 6.76
C TYR A 140 35.85 10.44 7.46
N THR A 141 36.23 11.51 6.76
CA THR A 141 36.00 12.88 7.21
C THR A 141 34.65 13.35 6.68
N PRO A 142 34.06 14.38 7.31
CA PRO A 142 32.82 14.97 6.80
C PRO A 142 32.92 15.40 5.34
N GLU A 143 33.99 16.09 4.96
CA GLU A 143 34.16 16.56 3.59
C GLU A 143 34.35 15.42 2.59
N GLU A 144 34.79 14.26 3.07
CA GLU A 144 34.95 13.09 2.19
C GLU A 144 33.60 12.51 1.79
N LEU A 145 32.66 12.51 2.72
CA LEU A 145 31.34 11.91 2.51
C LEU A 145 30.33 12.80 1.78
N VAL A 146 30.32 14.09 2.11
CA VAL A 146 29.33 15.02 1.57
C VAL A 146 29.30 15.06 0.04
N GLY A 147 28.11 14.88 -0.54
CA GLY A 147 27.95 14.89 -1.98
C GLY A 147 27.93 13.50 -2.59
N LYS A 148 28.29 12.51 -1.81
CA LYS A 148 28.36 11.21 -2.39
C LYS A 148 27.08 10.39 -2.14
N LYS A 149 26.75 9.52 -3.07
CA LYS A 149 25.63 8.60 -2.96
C LYS A 149 26.07 7.28 -2.35
N ILE A 150 25.47 6.91 -1.22
CA ILE A 150 25.84 5.70 -0.50
C ILE A 150 24.65 4.77 -0.35
N VAL A 151 24.91 3.50 -0.05
CA VAL A 151 23.85 2.51 0.14
C VAL A 151 23.56 2.34 1.63
N ILE A 152 22.30 2.44 2.01
CA ILE A 152 21.88 2.24 3.39
C ILE A 152 20.78 1.20 3.48
N VAL A 153 20.57 0.67 4.69
CA VAL A 153 19.38 -0.13 4.97
C VAL A 153 18.37 0.85 5.53
N ALA A 154 17.36 1.19 4.74
CA ALA A 154 16.44 2.27 5.10
C ALA A 154 15.30 1.87 6.02
N ASN A 155 14.97 0.59 6.04
CA ASN A 155 13.79 0.13 6.78
C ASN A 155 14.04 -0.38 8.19
N LEU A 156 15.29 -0.28 8.67
CA LEU A 156 15.59 -0.63 10.05
C LEU A 156 14.81 0.30 10.98
N LYS A 157 14.35 -0.25 12.10
CA LYS A 157 13.60 0.55 13.08
C LYS A 157 14.49 1.70 13.58
N PRO A 158 13.90 2.90 13.72
CA PRO A 158 14.65 4.06 14.22
C PRO A 158 15.36 3.74 15.52
N ARG A 159 16.64 4.09 15.60
CA ARG A 159 17.49 3.66 16.71
C ARG A 159 18.20 4.84 17.36
N LYS A 160 17.91 5.08 18.64
CA LYS A 160 18.49 6.22 19.33
C LYS A 160 19.96 6.00 19.68
N ILE A 161 20.81 6.90 19.20
CA ILE A 161 22.24 6.82 19.43
C ILE A 161 22.78 8.20 19.81
N PHE A 162 23.34 8.32 21.01
CA PHE A 162 23.82 9.60 21.53
C PHE A 162 22.73 10.66 21.50
N GLY A 163 21.51 10.26 21.84
CA GLY A 163 20.38 11.17 21.83
C GLY A 163 19.94 11.54 20.43
N ILE A 164 20.49 10.86 19.42
CA ILE A 164 20.09 11.07 18.04
C ILE A 164 19.26 9.88 17.57
N GLU A 165 18.18 10.15 16.85
CA GLU A 165 17.38 9.07 16.30
C GLU A 165 17.91 8.77 14.91
N SER A 166 18.53 7.61 14.77
CA SER A 166 19.10 7.20 13.51
C SER A 166 18.01 6.48 12.73
N GLN A 167 17.66 6.98 11.55
CA GLN A 167 16.57 6.38 10.80
C GLN A 167 17.19 5.50 9.72
N GLY A 168 17.12 4.20 9.92
CA GLY A 168 17.91 3.27 9.13
C GLY A 168 19.40 3.35 9.50
N MET A 169 20.21 2.51 8.87
CA MET A 169 21.66 2.54 9.09
C MET A 169 22.39 2.43 7.76
N ILE A 170 23.59 3.00 7.67
CA ILE A 170 24.40 2.88 6.45
C ILE A 170 25.08 1.50 6.37
N LEU A 171 25.47 1.11 5.16
CA LEU A 171 26.25 -0.10 4.97
C LEU A 171 27.74 0.21 4.86
N ALA A 172 28.57 -0.62 5.49
CA ALA A 172 30.01 -0.50 5.39
C ALA A 172 30.65 -1.87 5.26
N ALA A 173 31.77 -1.92 4.55
CA ALA A 173 32.52 -3.16 4.36
C ALA A 173 33.95 -3.01 4.86
N SER A 174 34.39 -3.94 5.71
CA SER A 174 35.75 -3.93 6.22
C SER A 174 36.48 -5.25 5.99
N ASP A 175 37.73 -5.17 5.53
CA ASP A 175 38.56 -6.35 5.34
C ASP A 175 39.45 -6.61 6.55
N GLY A 176 39.27 -5.81 7.60
CA GLY A 176 40.09 -5.92 8.79
C GLY A 176 41.15 -4.83 8.81
N GLU A 177 41.42 -4.26 7.64
CA GLU A 177 42.38 -3.18 7.49
C GLU A 177 41.63 -1.89 7.14
N ASN A 178 40.92 -1.92 6.02
CA ASN A 178 40.25 -0.74 5.49
C ASN A 178 38.74 -0.78 5.65
N LEU A 179 38.12 0.38 5.78
CA LEU A 179 36.67 0.49 5.86
C LEU A 179 36.15 1.31 4.69
N SER A 180 35.20 0.76 3.95
CA SER A 180 34.62 1.48 2.82
C SER A 180 33.10 1.57 2.97
N VAL A 181 32.52 2.69 2.54
CA VAL A 181 31.06 2.74 2.44
C VAL A 181 30.68 2.14 1.09
N ILE A 182 29.38 2.03 0.83
CA ILE A 182 28.92 1.34 -0.36
C ILE A 182 28.21 2.29 -1.32
N VAL A 183 28.72 2.38 -2.56
CA VAL A 183 28.19 3.32 -3.55
C VAL A 183 27.76 2.60 -4.82
N PRO A 184 26.85 3.21 -5.60
CA PRO A 184 26.55 2.61 -6.91
C PRO A 184 27.70 2.85 -7.88
N ASP A 185 27.85 1.97 -8.86
CA ASP A 185 28.95 2.06 -9.81
C ASP A 185 28.72 3.19 -10.81
N ARG A 186 27.46 3.50 -11.05
CA ARG A 186 27.07 4.56 -11.98
C ARG A 186 26.08 5.48 -11.30
N ASP A 187 25.81 6.62 -11.91
CA ASP A 187 24.88 7.58 -11.33
C ASP A 187 23.47 6.99 -11.30
N VAL A 188 22.87 6.98 -10.11
CA VAL A 188 21.47 6.62 -9.95
C VAL A 188 20.78 7.68 -9.11
N LYS A 189 19.49 7.88 -9.33
CA LYS A 189 18.74 8.85 -8.54
C LYS A 189 18.61 8.39 -7.10
N GLU A 190 18.76 9.34 -6.17
CA GLU A 190 18.60 9.06 -4.75
C GLU A 190 17.20 8.52 -4.47
N GLY A 191 17.09 7.54 -3.59
CA GLY A 191 15.81 6.91 -3.29
C GLY A 191 15.61 5.65 -4.11
N ALA A 192 16.53 5.40 -5.03
CA ALA A 192 16.51 4.17 -5.82
C ALA A 192 16.56 2.95 -4.90
N LYS A 193 15.66 2.00 -5.16
CA LYS A 193 15.61 0.79 -4.37
C LYS A 193 16.45 -0.30 -5.04
N LEU A 194 17.33 -0.92 -4.26
CA LEU A 194 18.22 -1.94 -4.80
C LEU A 194 17.50 -3.29 -4.95
N SER A 195 17.84 -4.00 -6.01
CA SER A 195 17.26 -5.31 -6.28
C SER A 195 18.35 -6.28 -6.73
N ALA A 196 18.03 -7.56 -6.72
CA ALA A 196 18.93 -8.54 -7.33
C ALA A 196 18.73 -8.49 -8.83
N ALA A 197 19.81 -8.42 -9.58
CA ALA A 197 19.68 -8.34 -11.02
C ALA A 197 19.62 -9.77 -11.57
N LEU A 198 18.47 -10.13 -12.11
CA LEU A 198 18.19 -11.50 -12.50
C LEU A 198 17.40 -11.57 -13.80
N GLU A 199 17.41 -12.74 -14.43
CA GLU A 199 16.62 -13.01 -15.64
C GLU A 199 16.70 -14.49 -15.98
N ARG B 20 -14.19 6.63 49.30
CA ARG B 20 -12.93 7.06 48.71
C ARG B 20 -11.87 5.99 48.81
N PHE B 21 -10.71 6.23 48.19
CA PHE B 21 -9.60 5.30 48.29
C PHE B 21 -8.40 5.97 48.95
N ASN B 22 -7.71 5.24 49.82
CA ASN B 22 -6.55 5.79 50.53
C ASN B 22 -5.26 5.60 49.73
N ILE B 23 -4.15 6.07 50.31
CA ILE B 23 -2.84 5.99 49.66
C ILE B 23 -2.44 4.54 49.35
N ASN B 24 -2.65 3.66 50.33
CA ASN B 24 -2.35 2.24 50.16
C ASN B 24 -3.15 1.59 49.03
N ASP B 25 -4.42 1.99 48.90
CA ASP B 25 -5.26 1.53 47.80
C ASP B 25 -4.63 1.82 46.44
N ARG B 26 -4.24 3.08 46.24
CA ARG B 26 -3.67 3.52 44.98
C ARG B 26 -2.29 2.92 44.72
N ILE B 27 -1.53 2.68 45.78
CA ILE B 27 -0.24 2.00 45.65
C ILE B 27 -0.47 0.55 45.20
N LYS B 28 -1.51 -0.08 45.73
CA LYS B 28 -1.94 -1.40 45.26
C LYS B 28 -2.28 -1.37 43.78
N GLU B 29 -3.08 -0.39 43.36
CA GLU B 29 -3.50 -0.26 41.97
C GLU B 29 -2.29 -0.11 41.05
N LEU B 30 -1.36 0.75 41.47
CA LEU B 30 -0.07 0.89 40.79
C LEU B 30 0.60 -0.48 40.72
N GLY B 31 0.44 -1.28 41.76
CA GLY B 31 0.96 -2.64 41.77
C GLY B 31 0.32 -3.50 40.70
N THR B 32 -0.96 -3.27 40.43
CA THR B 32 -1.68 -4.02 39.41
C THR B 32 -1.34 -3.56 37.99
N LEU B 33 -0.90 -2.30 37.86
CA LEU B 33 -0.56 -1.75 36.55
C LEU B 33 0.83 -2.15 36.02
N ILE B 34 1.83 -2.18 36.91
CA ILE B 34 3.22 -2.45 36.55
C ILE B 34 3.46 -3.87 36.01
N PRO B 35 4.56 -4.06 35.30
CA PRO B 35 4.91 -5.36 34.71
C PRO B 35 5.46 -6.36 35.73
N LYS B 36 4.92 -7.57 35.67
CA LYS B 36 5.23 -8.71 36.56
C LYS B 36 6.71 -8.69 36.94
N SER B 37 7.56 -8.22 36.00
CA SER B 37 9.03 -8.12 36.12
C SER B 37 9.66 -9.51 36.25
N ASN B 38 8.94 -10.52 35.77
CA ASN B 38 9.38 -11.94 35.87
C ASN B 38 9.90 -12.18 37.28
N ASP B 39 10.84 -13.12 37.43
CA ASP B 39 11.43 -13.45 38.76
C ASP B 39 10.29 -13.78 39.74
N PRO B 40 9.52 -14.83 39.44
CA PRO B 40 8.39 -15.24 40.28
C PRO B 40 8.86 -15.77 41.65
N ASP B 41 9.20 -14.86 42.57
CA ASP B 41 9.65 -15.23 43.93
C ASP B 41 9.79 -13.96 44.77
N MET B 42 9.86 -12.80 44.11
CA MET B 42 10.01 -11.50 44.83
C MET B 42 8.67 -11.09 45.43
N ARG B 43 8.73 -10.20 46.43
CA ARG B 43 7.51 -9.68 47.07
C ARG B 43 7.51 -8.16 46.88
N TRP B 44 6.37 -7.61 46.49
CA TRP B 44 6.23 -6.17 46.26
C TRP B 44 5.78 -5.39 47.50
N ASN B 45 6.66 -4.55 48.03
CA ASN B 45 6.26 -3.60 49.07
C ASN B 45 5.81 -2.28 48.46
N LYS B 46 5.55 -1.28 49.30
CA LYS B 46 5.13 0.02 48.81
C LYS B 46 6.23 0.72 48.01
N GLY B 47 7.41 0.82 48.60
CA GLY B 47 8.54 1.49 47.98
C GLY B 47 8.98 0.90 46.65
N THR B 48 8.95 -0.43 46.55
CA THR B 48 9.33 -1.11 45.32
C THR B 48 8.27 -0.98 44.23
N ILE B 49 7.00 -0.98 44.63
CA ILE B 49 5.90 -0.72 43.71
C ILE B 49 6.02 0.70 43.15
N LEU B 50 6.37 1.64 44.02
CA LEU B 50 6.57 3.03 43.59
C LEU B 50 7.80 3.19 42.69
N LYS B 51 8.85 2.43 42.98
CA LYS B 51 10.06 2.39 42.16
C LYS B 51 9.72 1.92 40.75
N ALA B 52 9.12 0.74 40.69
CA ALA B 52 8.68 0.16 39.42
C ALA B 52 7.70 1.07 38.70
N SER B 53 6.95 1.86 39.46
CA SER B 53 5.97 2.78 38.87
C SER B 53 6.64 3.98 38.19
N VAL B 54 7.59 4.62 38.88
CA VAL B 54 8.37 5.70 38.29
C VAL B 54 9.08 5.23 37.03
N ASP B 55 9.82 4.13 37.15
CA ASP B 55 10.53 3.56 36.01
C ASP B 55 9.59 3.21 34.85
N TYR B 56 8.43 2.64 35.18
CA TYR B 56 7.45 2.24 34.17
C TYR B 56 6.90 3.46 33.43
N ILE B 57 6.68 4.54 34.17
CA ILE B 57 6.22 5.78 33.56
C ILE B 57 7.27 6.35 32.60
N ARG B 58 8.54 6.35 33.02
CA ARG B 58 9.61 6.81 32.12
C ARG B 58 9.71 5.96 30.84
N LYS B 59 9.71 4.64 31.00
CA LYS B 59 9.72 3.72 29.87
C LYS B 59 8.56 4.02 28.91
N LEU B 60 7.37 4.12 29.47
CA LEU B 60 6.16 4.41 28.70
C LEU B 60 6.24 5.77 27.99
N GLN B 61 7.01 6.70 28.57
CA GLN B 61 7.17 8.01 27.93
C GLN B 61 8.10 7.94 26.72
N ARG B 62 9.21 7.21 26.86
CA ARG B 62 10.07 6.93 25.70
C ARG B 62 9.25 6.27 24.58
N GLU B 63 8.47 5.26 24.98
CA GLU B 63 7.58 4.57 24.06
C GLU B 63 6.61 5.53 23.39
N GLN B 64 6.15 6.52 24.14
CA GLN B 64 5.22 7.52 23.61
C GLN B 64 5.90 8.36 22.55
N GLN B 65 7.17 8.69 22.78
CA GLN B 65 7.94 9.42 21.76
C GLN B 65 8.00 8.61 20.45
N ARG B 66 8.47 7.37 20.56
CA ARG B 66 8.55 6.49 19.38
C ARG B 66 7.19 6.39 18.68
N ALA B 67 6.14 6.25 19.47
CA ALA B 67 4.78 6.13 18.96
C ALA B 67 4.33 7.38 18.20
N LYS B 68 4.70 8.54 18.71
CA LYS B 68 4.41 9.82 18.06
C LYS B 68 5.02 9.85 16.66
N GLU B 69 6.32 9.59 16.58
CA GLU B 69 6.99 9.55 15.27
C GLU B 69 6.27 8.57 14.32
N LEU B 70 6.03 7.37 14.84
CA LEU B 70 5.31 6.33 14.11
C LEU B 70 3.96 6.82 13.58
N GLU B 71 3.26 7.64 14.37
CA GLU B 71 1.95 8.15 13.97
C GLU B 71 2.06 9.17 12.84
N ASN B 72 3.06 10.05 12.89
CA ASN B 72 3.32 10.94 11.76
C ASN B 72 3.46 10.13 10.46
N ARG B 73 4.38 9.16 10.49
CA ARG B 73 4.54 8.31 9.31
C ARG B 73 3.24 7.61 8.91
N GLN B 74 2.41 7.27 9.91
CA GLN B 74 1.12 6.65 9.67
C GLN B 74 0.19 7.53 8.85
N LYS B 75 0.09 8.81 9.21
CA LYS B 75 -0.71 9.74 8.42
C LYS B 75 -0.22 9.84 6.98
N LYS B 76 1.11 9.96 6.81
CA LYS B 76 1.64 9.99 5.44
C LYS B 76 1.26 8.74 4.63
N LEU B 77 1.30 7.58 5.31
CA LEU B 77 0.90 6.32 4.70
C LEU B 77 -0.59 6.24 4.36
N GLU B 78 -1.42 6.90 5.16
CA GLU B 78 -2.84 6.99 4.85
C GLU B 78 -3.05 7.78 3.56
N HIS B 79 -2.34 8.91 3.43
CA HIS B 79 -2.34 9.67 2.18
C HIS B 79 -1.99 8.77 0.99
N ALA B 80 -0.83 8.13 1.09
CA ALA B 80 -0.34 7.22 0.06
C ALA B 80 -1.36 6.15 -0.32
N CYS B 81 -2.01 5.59 0.70
CA CYS B 81 -2.99 4.53 0.48
C CYS B 81 -4.22 5.01 -0.27
N ARG B 82 -4.77 6.16 0.11
CA ARG B 82 -5.90 6.69 -0.65
C ARG B 82 -5.50 6.84 -2.13
N HIS B 83 -4.37 7.52 -2.36
CA HIS B 83 -3.92 7.75 -3.73
C HIS B 83 -3.69 6.48 -4.56
N LEU B 84 -3.04 5.46 -3.98
CA LEU B 84 -2.86 4.21 -4.73
C LEU B 84 -4.17 3.43 -4.87
N LEU B 85 -5.09 3.66 -3.93
CA LEU B 85 -6.40 3.01 -3.98
C LEU B 85 -7.15 3.50 -5.20
N LEU B 86 -6.83 4.71 -5.63
CA LEU B 86 -7.35 5.16 -6.93
C LEU B 86 -7.00 4.22 -8.10
N ARG B 87 -5.94 3.44 -7.95
CA ARG B 87 -5.40 2.59 -8.99
C ARG B 87 -5.82 1.13 -8.93
N ILE B 88 -6.68 0.81 -8.01
CA ILE B 88 -7.18 -0.55 -7.89
C ILE B 88 -8.70 -0.60 -7.99
N GLN B 89 -9.24 -1.17 -9.07
CA GLN B 89 -10.68 -1.36 -9.11
C GLN B 89 -11.00 -2.86 -9.12
N GLU B 90 -11.30 -3.40 -7.93
CA GLU B 90 -11.76 -4.76 -7.79
C GLU B 90 -13.23 -4.97 -7.39
N LEU B 91 -13.98 -3.88 -7.23
CA LEU B 91 -15.32 -3.95 -6.66
C LEU B 91 -16.38 -4.55 -7.58
N GLY B 92 -17.10 -5.56 -7.09
CA GLY B 92 -18.20 -6.14 -7.83
C GLY B 92 -19.50 -5.42 -7.53
N ILE B 93 -20.46 -5.52 -8.44
CA ILE B 93 -21.73 -4.81 -8.32
C ILE B 93 -22.59 -5.33 -7.17
N GLU B 94 -22.41 -6.60 -6.81
CA GLU B 94 -23.15 -7.20 -5.69
C GLU B 94 -22.73 -6.57 -4.37
N ASP B 95 -21.42 -6.54 -4.14
CA ASP B 95 -20.86 -5.92 -2.94
C ASP B 95 -21.33 -4.47 -2.81
N PHE B 96 -21.42 -3.76 -3.93
CA PHE B 96 -21.92 -2.39 -3.92
C PHE B 96 -23.40 -2.36 -3.57
N LEU B 97 -24.15 -3.33 -4.10
CA LEU B 97 -25.57 -3.45 -3.81
C LEU B 97 -25.82 -3.77 -2.34
N LYS B 98 -24.78 -4.26 -1.66
CA LYS B 98 -24.88 -4.52 -0.21
C LYS B 98 -25.04 -3.25 0.64
N VAL B 99 -24.89 -2.08 0.02
CA VAL B 99 -25.01 -0.82 0.72
C VAL B 99 -26.28 -0.07 0.30
N ASP B 100 -27.03 0.44 1.27
CA ASP B 100 -28.20 1.25 0.95
C ASP B 100 -27.91 2.72 1.24
N LEU B 101 -27.75 3.49 0.16
CA LEU B 101 -27.47 4.92 0.27
C LEU B 101 -28.73 5.68 -0.11
N ARG B 102 -29.18 6.57 0.78
CA ARG B 102 -30.44 7.27 0.54
C ARG B 102 -30.34 8.78 0.72
N VAL B 103 -31.18 9.50 0.00
CA VAL B 103 -31.39 10.92 0.25
C VAL B 103 -32.34 11.04 1.43
N ALA B 104 -32.03 11.95 2.34
CA ALA B 104 -32.82 12.13 3.56
C ALA B 104 -32.88 13.61 3.86
N LYS B 105 -33.98 14.07 4.44
CA LYS B 105 -34.12 15.49 4.74
C LYS B 105 -33.86 15.76 6.22
N VAL B 106 -33.30 16.91 6.55
CA VAL B 106 -33.12 17.24 7.96
C VAL B 106 -34.32 18.02 8.48
N LEU B 107 -35.10 17.37 9.34
CA LEU B 107 -36.24 18.00 9.99
C LEU B 107 -35.75 18.83 11.16
N SER B 108 -34.81 18.26 11.91
CA SER B 108 -34.21 18.98 13.03
C SER B 108 -32.80 18.49 13.34
N ALA B 109 -32.00 19.38 13.92
CA ALA B 109 -30.63 19.07 14.33
C ALA B 109 -30.37 19.67 15.70
N GLU B 110 -29.78 18.89 16.60
CA GLU B 110 -29.54 19.38 17.95
C GLU B 110 -28.14 19.04 18.44
N ARG B 111 -27.55 19.96 19.20
CA ARG B 111 -26.28 19.70 19.88
C ARG B 111 -26.52 18.69 20.99
N VAL B 112 -25.49 17.90 21.32
CA VAL B 112 -25.64 16.84 22.31
C VAL B 112 -24.76 17.08 23.54
N GLU B 113 -25.41 17.21 24.70
CA GLU B 113 -24.73 17.59 25.95
C GLU B 113 -23.59 16.66 26.36
N GLY B 114 -22.45 17.24 26.69
CA GLY B 114 -21.27 16.47 27.06
C GLY B 114 -20.38 16.18 25.87
N SER B 115 -20.91 16.36 24.67
CA SER B 115 -20.15 16.12 23.44
C SER B 115 -19.95 17.39 22.65
N GLU B 116 -18.70 17.68 22.29
CA GLU B 116 -18.42 18.81 21.41
C GLU B 116 -18.37 18.37 19.95
N LYS B 117 -18.33 17.07 19.72
CA LYS B 117 -18.21 16.51 18.38
C LYS B 117 -19.53 16.05 17.77
N LEU B 118 -20.62 16.13 18.53
CA LEU B 118 -21.85 15.44 18.15
C LEU B 118 -23.05 16.33 17.85
N LEU B 119 -23.78 16.00 16.79
CA LEU B 119 -25.10 16.58 16.55
C LEU B 119 -26.15 15.47 16.48
N LYS B 120 -27.30 15.70 17.12
CA LYS B 120 -28.42 14.79 17.00
C LYS B 120 -29.33 15.24 15.86
N LEU B 121 -29.51 14.35 14.89
CA LEU B 121 -30.24 14.67 13.66
C LEU B 121 -31.53 13.87 13.55
N THR B 122 -32.61 14.56 13.19
CA THR B 122 -33.89 13.92 12.88
C THR B 122 -34.11 14.01 11.37
N LEU B 123 -34.20 12.85 10.72
CA LEU B 123 -34.23 12.78 9.27
C LEU B 123 -35.53 12.22 8.72
N SER B 124 -35.99 12.77 7.60
CA SER B 124 -37.15 12.22 6.90
C SER B 124 -36.71 11.43 5.67
N LEU B 125 -37.18 10.19 5.62
CA LEU B 125 -37.01 9.28 4.50
C LEU B 125 -38.19 9.31 3.53
N GLY B 126 -39.03 10.34 3.60
CA GLY B 126 -40.38 10.25 3.10
C GLY B 126 -41.22 9.55 4.16
N ASP B 127 -41.78 8.39 3.83
CA ASP B 127 -42.70 7.70 4.73
C ASP B 127 -42.26 7.65 6.20
N GLU B 128 -40.97 7.45 6.47
CA GLU B 128 -40.52 7.29 7.85
C GLU B 128 -39.43 8.26 8.34
N GLU B 129 -39.28 8.30 9.67
CA GLU B 129 -38.28 9.14 10.33
C GLU B 129 -37.11 8.30 10.86
N ARG B 130 -35.93 8.90 10.89
CA ARG B 130 -34.72 8.27 11.40
C ARG B 130 -34.03 9.21 12.38
N THR B 131 -33.39 8.67 13.41
CA THR B 131 -32.58 9.50 14.31
C THR B 131 -31.11 9.09 14.17
N VAL B 132 -30.26 10.07 13.85
CA VAL B 132 -28.85 9.78 13.60
C VAL B 132 -27.95 10.71 14.41
N VAL B 133 -27.05 10.13 15.20
CA VAL B 133 -26.08 10.91 15.97
C VAL B 133 -24.78 11.00 15.19
N ALA B 134 -24.44 12.19 14.71
CA ALA B 134 -23.34 12.35 13.77
C ALA B 134 -22.17 13.20 14.28
N GLY B 135 -21.00 13.00 13.67
CA GLY B 135 -19.76 13.63 14.09
C GLY B 135 -19.47 14.98 13.45
N ILE B 136 -20.52 15.65 13.00
CA ILE B 136 -20.38 16.88 12.22
C ILE B 136 -20.44 18.19 13.02
N ALA B 137 -20.55 18.10 14.35
CA ALA B 137 -20.77 19.29 15.19
C ALA B 137 -19.71 20.39 15.09
N LYS B 138 -18.47 20.00 14.84
CA LYS B 138 -17.39 20.98 14.72
C LYS B 138 -17.56 21.83 13.45
N TYR B 139 -17.96 21.17 12.37
CA TYR B 139 -18.04 21.78 11.05
C TYR B 139 -19.41 22.32 10.61
N TYR B 140 -20.46 21.97 11.35
CA TYR B 140 -21.82 22.30 10.90
C TYR B 140 -22.72 22.75 12.04
N THR B 141 -23.44 23.86 11.82
CA THR B 141 -24.44 24.32 12.77
C THR B 141 -25.78 23.65 12.49
N PRO B 142 -26.57 23.40 13.54
CA PRO B 142 -27.93 22.85 13.40
C PRO B 142 -28.78 23.68 12.43
N GLU B 143 -28.57 24.99 12.43
CA GLU B 143 -29.29 25.90 11.54
C GLU B 143 -28.87 25.74 10.07
N GLU B 144 -27.61 25.38 9.86
CA GLU B 144 -27.11 25.12 8.51
C GLU B 144 -27.77 23.86 7.96
N LEU B 145 -27.97 22.88 8.85
CA LEU B 145 -28.46 21.57 8.46
C LEU B 145 -29.97 21.47 8.24
N VAL B 146 -30.75 22.14 9.08
CA VAL B 146 -32.21 22.02 9.06
C VAL B 146 -32.79 22.35 7.68
N GLY B 147 -33.55 21.41 7.13
CA GLY B 147 -34.15 21.58 5.81
C GLY B 147 -33.32 21.02 4.67
N LYS B 148 -32.08 20.62 4.97
CA LYS B 148 -31.16 20.13 3.95
C LYS B 148 -31.43 18.68 3.56
N LYS B 149 -31.27 18.41 2.26
CA LYS B 149 -31.29 17.04 1.76
C LYS B 149 -29.86 16.52 1.62
N ILE B 150 -29.56 15.47 2.38
CA ILE B 150 -28.21 14.94 2.47
C ILE B 150 -28.23 13.43 2.19
N VAL B 151 -27.06 12.85 1.93
CA VAL B 151 -26.97 11.42 1.65
C VAL B 151 -26.49 10.65 2.89
N ILE B 152 -27.22 9.58 3.24
CA ILE B 152 -26.86 8.74 4.37
C ILE B 152 -26.71 7.28 3.96
N VAL B 153 -26.04 6.50 4.82
CA VAL B 153 -26.02 5.05 4.68
C VAL B 153 -27.19 4.55 5.51
N ALA B 154 -28.23 4.05 4.83
CA ALA B 154 -29.52 3.82 5.46
C ALA B 154 -29.64 2.51 6.26
N ASN B 155 -28.92 1.48 5.84
CA ASN B 155 -29.19 0.18 6.44
C ASN B 155 -28.17 -0.09 7.54
N LEU B 156 -28.63 0.12 8.76
CA LEU B 156 -27.82 -0.09 9.95
C LEU B 156 -28.73 -0.53 11.09
N LYS B 157 -28.33 -1.56 11.82
CA LYS B 157 -29.03 -1.90 13.05
C LYS B 157 -28.84 -0.73 13.99
N PRO B 158 -29.93 -0.28 14.65
CA PRO B 158 -29.86 0.85 15.57
C PRO B 158 -28.80 0.63 16.65
N ARG B 159 -28.03 1.66 16.96
CA ARG B 159 -27.00 1.54 18.00
C ARG B 159 -26.92 2.78 18.86
N LYS B 160 -26.83 2.59 20.17
CA LYS B 160 -26.75 3.72 21.09
C LYS B 160 -25.42 4.46 20.96
N ILE B 161 -25.51 5.76 20.71
CA ILE B 161 -24.35 6.64 20.68
C ILE B 161 -24.53 7.74 21.71
N PHE B 162 -23.63 7.79 22.68
CA PHE B 162 -23.64 8.83 23.72
C PHE B 162 -24.95 8.86 24.50
N GLY B 163 -25.63 7.71 24.54
CA GLY B 163 -26.89 7.58 25.24
C GLY B 163 -28.08 7.72 24.31
N ILE B 164 -27.81 7.99 23.04
CA ILE B 164 -28.87 8.18 22.05
C ILE B 164 -28.83 7.09 20.99
N GLU B 165 -29.97 6.44 20.78
CA GLU B 165 -30.10 5.44 19.73
C GLU B 165 -29.98 6.11 18.36
N SER B 166 -29.09 5.59 17.53
CA SER B 166 -28.85 6.15 16.20
C SER B 166 -28.99 5.07 15.14
N GLN B 167 -29.78 5.36 14.11
CA GLN B 167 -29.95 4.44 13.00
C GLN B 167 -29.39 5.04 11.72
N GLY B 168 -28.23 4.57 11.28
CA GLY B 168 -27.60 5.07 10.07
C GLY B 168 -26.41 6.00 10.28
N MET B 169 -25.54 6.05 9.27
CA MET B 169 -24.41 6.98 9.26
C MET B 169 -24.57 7.96 8.11
N ILE B 170 -24.11 9.19 8.29
CA ILE B 170 -24.19 10.18 7.22
C ILE B 170 -22.88 10.29 6.43
N LEU B 171 -23.01 10.43 5.11
CA LEU B 171 -21.85 10.51 4.22
C LEU B 171 -21.12 11.84 4.36
N ALA B 172 -19.80 11.80 4.22
CA ALA B 172 -19.01 13.02 4.32
C ALA B 172 -17.71 12.96 3.53
N ALA B 173 -17.22 14.14 3.15
CA ALA B 173 -15.87 14.25 2.58
C ALA B 173 -15.00 14.95 3.60
N SER B 174 -14.06 14.23 4.19
CA SER B 174 -13.28 14.76 5.29
C SER B 174 -12.17 15.71 4.85
N ASP B 175 -11.46 15.36 3.77
CA ASP B 175 -10.68 16.33 3.00
C ASP B 175 -9.53 17.00 3.76
N GLY B 176 -9.46 16.78 5.07
CA GLY B 176 -8.66 17.62 5.94
C GLY B 176 -9.29 17.62 7.30
N GLU B 177 -9.10 18.72 8.04
CA GLU B 177 -9.76 18.89 9.32
C GLU B 177 -11.15 19.52 9.17
N ASN B 178 -11.61 19.74 7.94
CA ASN B 178 -13.01 20.18 7.72
C ASN B 178 -13.93 19.03 7.30
N LEU B 179 -15.20 19.34 7.08
CA LEU B 179 -16.18 18.33 6.68
C LEU B 179 -17.19 18.90 5.70
N SER B 180 -17.62 18.08 4.74
CA SER B 180 -18.74 18.42 3.88
C SER B 180 -19.70 17.23 3.85
N VAL B 181 -20.99 17.52 3.98
CA VAL B 181 -21.97 16.47 3.80
C VAL B 181 -22.18 16.26 2.30
N ILE B 182 -23.00 15.29 1.94
CA ILE B 182 -23.19 14.96 0.53
C ILE B 182 -24.64 15.18 0.13
N VAL B 183 -24.86 16.00 -0.91
CA VAL B 183 -26.22 16.40 -1.29
C VAL B 183 -26.54 16.10 -2.75
N PRO B 184 -27.82 15.90 -3.07
CA PRO B 184 -28.20 15.74 -4.47
C PRO B 184 -28.12 17.07 -5.21
N ASP B 185 -27.63 17.04 -6.45
CA ASP B 185 -27.44 18.25 -7.24
C ASP B 185 -28.75 18.94 -7.57
N ARG B 186 -29.80 18.15 -7.79
CA ARG B 186 -31.12 18.69 -8.06
C ARG B 186 -32.08 18.20 -6.98
N ASP B 187 -33.20 18.90 -6.79
CA ASP B 187 -34.10 18.57 -5.70
C ASP B 187 -34.93 17.33 -6.02
N VAL B 188 -34.76 16.30 -5.20
CA VAL B 188 -35.53 15.06 -5.35
C VAL B 188 -36.16 14.73 -4.00
N LYS B 189 -37.19 13.90 -4.02
CA LYS B 189 -37.89 13.53 -2.79
C LYS B 189 -37.03 12.67 -1.89
N GLU B 190 -37.10 12.93 -0.58
CA GLU B 190 -36.39 12.15 0.41
C GLU B 190 -36.85 10.70 0.34
N GLY B 191 -35.93 9.76 0.55
CA GLY B 191 -36.24 8.35 0.42
C GLY B 191 -35.72 7.78 -0.88
N ALA B 192 -35.36 8.67 -1.81
CA ALA B 192 -34.79 8.27 -3.08
C ALA B 192 -33.50 7.50 -2.87
N LYS B 193 -33.41 6.33 -3.48
CA LYS B 193 -32.20 5.52 -3.39
C LYS B 193 -31.17 6.01 -4.40
N LEU B 194 -29.89 5.93 -4.01
CA LEU B 194 -28.79 6.20 -4.92
C LEU B 194 -28.37 4.89 -5.58
N SER B 195 -28.05 4.95 -6.87
CA SER B 195 -27.60 3.76 -7.59
C SER B 195 -26.60 4.08 -8.69
N ALA B 196 -25.67 3.17 -8.93
CA ALA B 196 -24.69 3.34 -10.00
C ALA B 196 -25.13 2.65 -11.28
N ALA B 197 -26.29 2.01 -11.24
CA ALA B 197 -26.83 1.29 -12.39
C ALA B 197 -27.34 2.27 -13.46
N LEU B 198 -27.38 1.80 -14.71
CA LEU B 198 -27.73 2.66 -15.84
C LEU B 198 -29.22 2.94 -15.98
N GLU B 199 -30.04 1.97 -15.54
CA GLU B 199 -31.50 1.94 -15.75
C GLU B 199 -31.86 1.55 -17.18
N ASP C 10 -39.27 -27.75 -50.64
CA ASP C 10 -38.67 -28.32 -51.85
C ASP C 10 -37.17 -28.07 -51.87
N ASN C 11 -36.45 -28.78 -51.00
CA ASN C 11 -34.99 -28.71 -50.94
C ASN C 11 -34.22 -29.84 -51.63
N HIS C 12 -34.93 -30.73 -52.33
CA HIS C 12 -34.36 -31.99 -52.82
C HIS C 12 -33.04 -31.92 -53.59
N ASN C 13 -32.77 -30.80 -54.25
CA ASN C 13 -31.48 -30.63 -54.93
C ASN C 13 -30.44 -29.89 -54.10
N LEU C 14 -30.78 -29.52 -52.87
CA LEU C 14 -29.82 -28.90 -51.97
C LEU C 14 -29.24 -29.93 -51.00
N ILE C 15 -27.94 -29.83 -50.73
CA ILE C 15 -27.31 -30.70 -49.75
C ILE C 15 -27.41 -30.04 -48.40
N GLU C 16 -28.15 -30.65 -47.48
CA GLU C 16 -28.12 -30.16 -46.13
C GLU C 16 -26.79 -30.65 -45.62
N ARG C 17 -25.93 -29.69 -45.28
CA ARG C 17 -24.63 -30.03 -44.72
C ARG C 17 -24.73 -29.76 -43.24
N ARG C 18 -24.68 -30.82 -42.45
CA ARG C 18 -24.83 -30.74 -41.00
C ARG C 18 -23.91 -29.67 -40.43
N ARG C 19 -22.69 -29.61 -40.96
CA ARG C 19 -21.76 -28.55 -40.61
C ARG C 19 -22.00 -27.36 -41.53
N ARG C 20 -22.33 -26.23 -40.92
CA ARG C 20 -22.55 -24.99 -41.67
C ARG C 20 -21.21 -24.42 -42.11
N PHE C 21 -20.13 -25.00 -41.61
CA PHE C 21 -18.78 -24.52 -41.93
C PHE C 21 -17.77 -25.65 -42.15
N ASN C 22 -16.96 -25.50 -43.18
CA ASN C 22 -15.87 -26.44 -43.47
C ASN C 22 -14.78 -26.39 -42.41
N ILE C 23 -13.95 -27.43 -42.38
CA ILE C 23 -12.72 -27.40 -41.61
C ILE C 23 -11.83 -26.26 -42.12
N ASN C 24 -11.70 -26.17 -43.44
CA ASN C 24 -10.92 -25.10 -44.07
C ASN C 24 -11.52 -23.71 -43.83
N ASP C 25 -12.84 -23.63 -43.80
CA ASP C 25 -13.53 -22.39 -43.44
C ASP C 25 -13.04 -21.85 -42.10
N ARG C 26 -13.00 -22.75 -41.11
CA ARG C 26 -12.61 -22.37 -39.75
C ARG C 26 -11.10 -22.16 -39.62
N ILE C 27 -10.32 -22.84 -40.46
CA ILE C 27 -8.88 -22.56 -40.51
C ILE C 27 -8.68 -21.13 -41.02
N LYS C 28 -9.46 -20.73 -42.01
CA LYS C 28 -9.42 -19.36 -42.51
C LYS C 28 -9.94 -18.36 -41.47
N GLU C 29 -10.91 -18.78 -40.66
CA GLU C 29 -11.40 -17.96 -39.57
C GLU C 29 -10.28 -17.68 -38.57
N LEU C 30 -9.60 -18.75 -38.17
CA LEU C 30 -8.41 -18.65 -37.33
C LEU C 30 -7.38 -17.74 -37.99
N GLY C 31 -7.33 -17.78 -39.32
CA GLY C 31 -6.46 -16.91 -40.08
C GLY C 31 -6.81 -15.45 -39.91
N THR C 32 -8.10 -15.16 -39.75
CA THR C 32 -8.55 -13.80 -39.53
C THR C 32 -8.33 -13.35 -38.08
N LEU C 33 -8.52 -14.27 -37.14
CA LEU C 33 -8.43 -13.93 -35.72
C LEU C 33 -7.03 -13.55 -35.24
N ILE C 34 -6.00 -14.17 -35.83
CA ILE C 34 -4.62 -13.96 -35.40
C ILE C 34 -4.03 -12.66 -35.96
N PRO C 35 -3.28 -11.92 -35.13
CA PRO C 35 -2.66 -10.63 -35.50
C PRO C 35 -1.63 -10.80 -36.60
N LYS C 36 -1.20 -9.69 -37.21
CA LYS C 36 -0.41 -9.76 -38.44
C LYS C 36 0.99 -10.33 -38.27
N ARG C 43 4.45 -18.32 -46.31
CA ARG C 43 3.61 -18.24 -47.49
C ARG C 43 2.16 -17.96 -47.11
N TRP C 44 1.90 -17.92 -45.82
CA TRP C 44 0.56 -17.66 -45.27
C TRP C 44 -0.51 -18.64 -45.75
N ASN C 45 -0.26 -19.93 -45.51
CA ASN C 45 -1.21 -20.99 -45.85
C ASN C 45 -1.81 -21.61 -44.58
N LYS C 46 -2.62 -22.64 -44.76
CA LYS C 46 -3.25 -23.35 -43.64
C LYS C 46 -2.25 -23.74 -42.55
N GLY C 47 -1.08 -24.24 -42.96
CA GLY C 47 -0.06 -24.67 -42.03
C GLY C 47 0.42 -23.56 -41.13
N THR C 48 0.85 -22.45 -41.73
CA THR C 48 1.30 -21.28 -40.99
C THR C 48 0.21 -20.75 -40.07
N ILE C 49 -1.04 -20.85 -40.53
CA ILE C 49 -2.19 -20.41 -39.74
C ILE C 49 -2.38 -21.25 -38.49
N LEU C 50 -2.31 -22.58 -38.62
CA LEU C 50 -2.47 -23.46 -37.47
C LEU C 50 -1.29 -23.35 -36.49
N LYS C 51 -0.08 -23.23 -37.03
CA LYS C 51 1.11 -23.04 -36.20
C LYS C 51 1.01 -21.75 -35.38
N ALA C 52 0.73 -20.66 -36.09
CA ALA C 52 0.56 -19.35 -35.45
C ALA C 52 -0.60 -19.37 -34.47
N SER C 53 -1.59 -20.22 -34.74
CA SER C 53 -2.74 -20.36 -33.84
C SER C 53 -2.29 -20.99 -32.52
N VAL C 54 -1.53 -22.08 -32.60
CA VAL C 54 -0.95 -22.71 -31.42
C VAL C 54 -0.11 -21.73 -30.60
N ASP C 55 0.86 -21.09 -31.28
CA ASP C 55 1.71 -20.10 -30.63
C ASP C 55 0.89 -19.00 -29.94
N TYR C 56 -0.10 -18.48 -30.66
CA TYR C 56 -0.96 -17.40 -30.18
C TYR C 56 -1.72 -17.82 -28.93
N ILE C 57 -2.39 -18.96 -28.99
CA ILE C 57 -3.11 -19.49 -27.84
C ILE C 57 -2.20 -19.65 -26.64
N ARG C 58 -0.95 -20.10 -26.86
CA ARG C 58 0.01 -20.20 -25.77
C ARG C 58 0.31 -18.84 -25.13
N LYS C 59 0.70 -17.87 -25.95
CA LYS C 59 1.01 -16.51 -25.47
C LYS C 59 -0.14 -15.93 -24.65
N LEU C 60 -1.34 -16.00 -25.21
CA LEU C 60 -2.54 -15.49 -24.55
C LEU C 60 -2.82 -16.21 -23.24
N GLN C 61 -2.62 -17.53 -23.22
CA GLN C 61 -2.81 -18.33 -22.02
C GLN C 61 -1.90 -17.85 -20.89
N ARG C 62 -0.60 -17.71 -21.21
CA ARG C 62 0.36 -17.22 -20.22
C ARG C 62 0.02 -15.82 -19.70
N GLU C 63 -0.37 -14.93 -20.58
CA GLU C 63 -0.77 -13.62 -20.16
C GLU C 63 -2.02 -13.67 -19.24
N GLN C 64 -2.94 -14.56 -19.56
CA GLN C 64 -4.12 -14.75 -18.71
C GLN C 64 -3.73 -15.17 -17.31
N GLN C 65 -2.89 -16.19 -17.21
CA GLN C 65 -2.37 -16.64 -15.91
C GLN C 65 -1.77 -15.47 -15.13
N ARG C 66 -0.83 -14.78 -15.77
CA ARG C 66 -0.16 -13.65 -15.13
C ARG C 66 -1.13 -12.57 -14.66
N ALA C 67 -2.12 -12.27 -15.48
CA ALA C 67 -3.15 -11.28 -15.13
C ALA C 67 -3.92 -11.72 -13.89
N LYS C 68 -4.24 -13.01 -13.83
CA LYS C 68 -4.91 -13.56 -12.65
C LYS C 68 -4.08 -13.32 -11.39
N GLU C 69 -2.81 -13.67 -11.39
CA GLU C 69 -2.03 -13.39 -10.21
C GLU C 69 -1.82 -11.94 -9.87
N LEU C 70 -1.61 -11.13 -10.90
CA LEU C 70 -1.55 -9.69 -10.68
C LEU C 70 -2.78 -9.21 -9.93
N GLU C 71 -3.94 -9.67 -10.38
CA GLU C 71 -5.21 -9.26 -9.78
C GLU C 71 -5.33 -9.72 -8.33
N ASN C 72 -4.91 -10.95 -8.05
CA ASN C 72 -4.88 -11.41 -6.66
C ASN C 72 -4.00 -10.51 -5.79
N ARG C 73 -2.81 -10.20 -6.29
CA ARG C 73 -1.88 -9.33 -5.58
C ARG C 73 -2.48 -7.95 -5.29
N GLN C 74 -3.10 -7.35 -6.30
CA GLN C 74 -3.73 -6.03 -6.14
C GLN C 74 -4.89 -6.09 -5.17
N LYS C 75 -5.60 -7.21 -5.14
CA LYS C 75 -6.64 -7.44 -4.14
C LYS C 75 -6.02 -7.37 -2.75
N LYS C 76 -4.90 -8.08 -2.55
CA LYS C 76 -4.18 -8.04 -1.28
C LYS C 76 -3.77 -6.62 -0.87
N LEU C 77 -3.13 -5.89 -1.80
CA LEU C 77 -2.68 -4.54 -1.52
C LEU C 77 -3.84 -3.62 -1.12
N GLU C 78 -4.94 -3.74 -1.85
CA GLU C 78 -6.15 -2.99 -1.56
C GLU C 78 -6.68 -3.30 -0.16
N HIS C 79 -6.69 -4.59 0.18
CA HIS C 79 -7.11 -5.05 1.50
C HIS C 79 -6.25 -4.42 2.61
N ALA C 80 -4.93 -4.50 2.44
CA ALA C 80 -4.00 -3.97 3.42
C ALA C 80 -4.13 -2.47 3.61
N CYS C 81 -4.26 -1.74 2.50
CA CYS C 81 -4.45 -0.29 2.58
C CYS C 81 -5.75 0.04 3.29
N ARG C 82 -6.81 -0.69 2.96
CA ARG C 82 -8.11 -0.49 3.58
C ARG C 82 -8.09 -0.74 5.08
N HIS C 83 -7.35 -1.75 5.51
CA HIS C 83 -7.22 -1.98 6.95
C HIS C 83 -6.32 -0.96 7.62
N LEU C 84 -5.33 -0.43 6.89
CA LEU C 84 -4.50 0.65 7.41
C LEU C 84 -5.32 1.92 7.64
N LEU C 85 -6.27 2.17 6.74
CA LEU C 85 -7.10 3.38 6.83
C LEU C 85 -8.20 3.28 7.90
N LEU C 86 -8.35 2.10 8.49
CA LEU C 86 -9.43 1.83 9.45
C LEU C 86 -9.42 2.79 10.65
N ARG C 87 -10.58 3.36 10.96
CA ARG C 87 -10.75 4.18 12.16
C ARG C 87 -11.47 3.38 13.25
N ILE C 88 -11.13 3.63 14.51
CA ILE C 88 -11.69 2.88 15.63
C ILE C 88 -13.22 2.92 15.70
N GLN C 89 -13.81 3.99 15.18
CA GLN C 89 -15.25 4.16 15.18
C GLN C 89 -15.90 3.37 14.05
N GLU C 90 -15.07 2.85 13.16
CA GLU C 90 -15.55 2.23 11.91
C GLU C 90 -15.83 0.73 11.99
N LEU C 91 -15.75 0.15 13.18
CA LEU C 91 -16.08 -1.27 13.33
C LEU C 91 -17.52 -1.58 12.91
N GLY C 92 -17.69 -2.67 12.17
CA GLY C 92 -19.01 -3.16 11.79
C GLY C 92 -19.40 -2.82 10.36
N ILE C 93 -18.79 -1.78 9.80
CA ILE C 93 -19.21 -1.26 8.49
C ILE C 93 -18.48 -1.75 7.22
N GLU C 94 -17.81 -2.87 7.28
CA GLU C 94 -16.83 -3.21 6.29
C GLU C 94 -17.38 -3.23 4.89
N ASP C 95 -18.58 -3.70 4.73
CA ASP C 95 -19.25 -3.71 3.42
C ASP C 95 -19.30 -2.30 2.81
N PHE C 96 -19.48 -1.30 3.65
CA PHE C 96 -19.47 0.09 3.20
C PHE C 96 -18.06 0.58 2.89
N LEU C 97 -17.10 0.15 3.70
CA LEU C 97 -15.71 0.55 3.53
C LEU C 97 -15.09 0.00 2.26
N LYS C 98 -15.62 -1.12 1.79
CA LYS C 98 -15.14 -1.74 0.54
C LYS C 98 -15.46 -0.88 -0.68
N VAL C 99 -16.54 -0.11 -0.59
CA VAL C 99 -16.94 0.77 -1.68
C VAL C 99 -16.05 2.00 -1.68
N ASP C 100 -15.39 2.27 -2.81
CA ASP C 100 -14.54 3.44 -2.89
C ASP C 100 -15.30 4.54 -3.58
N LEU C 101 -15.73 5.52 -2.78
CA LEU C 101 -16.55 6.62 -3.25
C LEU C 101 -15.67 7.85 -3.38
N ARG C 102 -15.68 8.47 -4.56
CA ARG C 102 -14.80 9.59 -4.81
C ARG C 102 -15.52 10.81 -5.35
N VAL C 103 -14.97 11.99 -5.06
CA VAL C 103 -15.35 13.21 -5.74
C VAL C 103 -14.50 13.32 -6.99
N ALA C 104 -15.15 13.52 -8.13
CA ALA C 104 -14.46 13.65 -9.40
C ALA C 104 -15.01 14.86 -10.14
N LYS C 105 -14.16 15.55 -10.90
CA LYS C 105 -14.65 16.70 -11.67
C LYS C 105 -14.90 16.33 -13.12
N VAL C 106 -16.02 16.77 -13.68
CA VAL C 106 -16.31 16.47 -15.07
C VAL C 106 -15.53 17.43 -15.97
N LEU C 107 -14.60 16.87 -16.74
CA LEU C 107 -13.77 17.61 -17.69
C LEU C 107 -14.50 17.78 -19.01
N SER C 108 -15.13 16.70 -19.46
CA SER C 108 -15.89 16.72 -20.70
C SER C 108 -17.06 15.76 -20.63
N ALA C 109 -18.10 16.08 -21.41
CA ALA C 109 -19.28 15.24 -21.49
C ALA C 109 -19.78 15.25 -22.93
N GLU C 110 -20.19 14.09 -23.43
CA GLU C 110 -20.77 14.01 -24.76
C GLU C 110 -21.77 12.86 -24.86
N ARG C 111 -22.80 13.04 -25.68
CA ARG C 111 -23.80 11.99 -25.88
C ARG C 111 -23.19 10.81 -26.64
N VAL C 112 -23.74 9.63 -26.42
CA VAL C 112 -23.25 8.41 -27.07
C VAL C 112 -24.10 8.09 -28.30
N GLU C 113 -23.45 8.00 -29.45
CA GLU C 113 -24.15 7.70 -30.70
C GLU C 113 -24.94 6.39 -30.61
N GLY C 114 -26.21 6.45 -31.00
CA GLY C 114 -27.07 5.29 -30.94
C GLY C 114 -27.80 5.17 -29.62
N SER C 115 -27.58 6.13 -28.71
CA SER C 115 -28.21 6.08 -27.40
C SER C 115 -28.93 7.37 -27.02
N GLU C 116 -30.16 7.22 -26.54
CA GLU C 116 -30.91 8.34 -25.99
C GLU C 116 -30.51 8.60 -24.55
N LYS C 117 -30.20 7.53 -23.81
CA LYS C 117 -29.96 7.62 -22.37
C LYS C 117 -28.51 7.77 -21.93
N LEU C 118 -27.55 7.62 -22.85
CA LEU C 118 -26.15 7.52 -22.44
C LEU C 118 -25.30 8.78 -22.65
N LEU C 119 -24.46 9.07 -21.66
CA LEU C 119 -23.46 10.13 -21.75
C LEU C 119 -22.07 9.55 -21.51
N LYS C 120 -21.10 9.97 -22.32
CA LYS C 120 -19.71 9.63 -22.07
C LYS C 120 -19.00 10.77 -21.36
N LEU C 121 -18.61 10.50 -20.11
CA LEU C 121 -17.98 11.48 -19.25
C LEU C 121 -16.49 11.21 -19.12
N THR C 122 -15.71 12.29 -19.15
CA THR C 122 -14.29 12.27 -18.81
C THR C 122 -14.15 12.96 -17.46
N LEU C 123 -13.51 12.29 -16.51
CA LEU C 123 -13.46 12.77 -15.13
C LEU C 123 -12.03 12.92 -14.64
N SER C 124 -11.81 13.89 -13.76
CA SER C 124 -10.54 14.02 -13.06
C SER C 124 -10.72 13.59 -11.62
N LEU C 125 -9.94 12.58 -11.22
CA LEU C 125 -9.87 12.15 -9.83
C LEU C 125 -8.68 12.88 -9.23
N GLY C 126 -8.04 13.69 -10.07
CA GLY C 126 -7.04 14.67 -9.68
C GLY C 126 -5.61 14.18 -9.68
N ASP C 127 -5.41 12.89 -9.45
CA ASP C 127 -4.15 12.25 -9.82
C ASP C 127 -4.17 11.76 -11.26
N GLU C 128 -5.33 11.21 -11.64
CA GLU C 128 -5.51 10.54 -12.91
C GLU C 128 -6.87 10.86 -13.52
N GLU C 129 -7.06 10.52 -14.78
CA GLU C 129 -8.36 10.68 -15.41
C GLU C 129 -9.09 9.34 -15.56
N ARG C 130 -10.41 9.39 -15.44
CA ARG C 130 -11.25 8.20 -15.62
C ARG C 130 -12.25 8.45 -16.72
N THR C 131 -12.57 7.43 -17.51
CA THR C 131 -13.65 7.54 -18.47
C THR C 131 -14.85 6.71 -17.99
N VAL C 132 -16.01 7.36 -17.88
CA VAL C 132 -17.20 6.72 -17.30
C VAL C 132 -18.42 6.95 -18.19
N VAL C 133 -19.26 5.93 -18.35
CA VAL C 133 -20.52 6.09 -19.08
C VAL C 133 -21.71 6.13 -18.12
N ALA C 134 -22.58 7.13 -18.27
CA ALA C 134 -23.69 7.30 -17.34
C ALA C 134 -25.06 7.39 -18.03
N GLY C 135 -26.10 6.95 -17.32
CA GLY C 135 -27.43 6.85 -17.89
C GLY C 135 -28.30 8.09 -17.73
N ILE C 136 -27.65 9.24 -17.57
CA ILE C 136 -28.35 10.49 -17.22
C ILE C 136 -28.75 11.42 -18.37
N ALA C 137 -28.53 10.98 -19.62
CA ALA C 137 -28.70 11.86 -20.79
C ALA C 137 -30.08 12.50 -20.97
N LYS C 138 -31.12 11.92 -20.36
CA LYS C 138 -32.47 12.47 -20.47
C LYS C 138 -32.76 13.51 -19.40
N TYR C 139 -31.74 13.80 -18.61
CA TYR C 139 -31.88 14.73 -17.50
C TYR C 139 -30.86 15.86 -17.65
N TYR C 140 -29.57 15.49 -17.67
CA TYR C 140 -28.49 16.45 -17.83
C TYR C 140 -28.03 16.58 -19.29
N THR C 141 -27.76 17.81 -19.71
CA THR C 141 -27.04 18.06 -20.96
C THR C 141 -25.56 18.04 -20.61
N PRO C 142 -24.71 17.73 -21.61
CA PRO C 142 -23.26 17.73 -21.37
C PRO C 142 -22.74 19.08 -20.89
N GLU C 143 -23.30 20.17 -21.43
CA GLU C 143 -22.89 21.53 -21.04
C GLU C 143 -23.08 21.81 -19.54
N GLU C 144 -24.17 21.29 -18.98
CA GLU C 144 -24.46 21.43 -17.55
C GLU C 144 -23.37 20.77 -16.70
N LEU C 145 -22.87 19.64 -17.18
CA LEU C 145 -21.96 18.80 -16.40
C LEU C 145 -20.51 19.27 -16.38
N VAL C 146 -20.04 19.89 -17.47
CA VAL C 146 -18.65 20.30 -17.56
C VAL C 146 -18.24 21.23 -16.42
N GLY C 147 -17.18 20.86 -15.71
CA GLY C 147 -16.68 21.65 -14.60
C GLY C 147 -17.30 21.31 -13.25
N LYS C 148 -18.31 20.45 -13.27
CA LYS C 148 -19.02 20.09 -12.03
C LYS C 148 -18.34 18.94 -11.28
N LYS C 149 -18.33 19.03 -9.95
CA LYS C 149 -17.81 17.95 -9.11
C LYS C 149 -18.95 17.03 -8.67
N ILE C 150 -18.84 15.76 -9.05
CA ILE C 150 -19.87 14.76 -8.76
C ILE C 150 -19.26 13.58 -8.00
N VAL C 151 -20.13 12.77 -7.40
CA VAL C 151 -19.68 11.59 -6.63
C VAL C 151 -19.83 10.33 -7.47
N ILE C 152 -18.76 9.53 -7.52
CA ILE C 152 -18.78 8.27 -8.26
C ILE C 152 -18.30 7.12 -7.37
N VAL C 153 -18.57 5.88 -7.82
CA VAL C 153 -17.94 4.71 -7.22
C VAL C 153 -16.74 4.39 -8.09
N ALA C 154 -15.54 4.62 -7.55
CA ALA C 154 -14.33 4.55 -8.37
C ALA C 154 -13.79 3.14 -8.59
N ASN C 155 -14.05 2.24 -7.65
CA ASN C 155 -13.41 0.93 -7.67
C ASN C 155 -14.18 -0.23 -8.32
N LEU C 156 -15.36 0.06 -8.88
CA LEU C 156 -16.08 -0.96 -9.64
C LEU C 156 -15.22 -1.42 -10.80
N LYS C 157 -15.23 -2.72 -11.07
CA LYS C 157 -14.46 -3.28 -12.18
C LYS C 157 -14.88 -2.59 -13.47
N PRO C 158 -13.91 -2.29 -14.35
CA PRO C 158 -14.20 -1.63 -15.62
C PRO C 158 -15.25 -2.43 -16.37
N ARG C 159 -16.24 -1.75 -16.94
CA ARG C 159 -17.27 -2.46 -17.70
C ARG C 159 -17.54 -1.80 -19.03
N LYS C 160 -17.74 -2.62 -20.06
CA LYS C 160 -17.89 -2.10 -21.41
C LYS C 160 -19.34 -1.80 -21.79
N ILE C 161 -19.57 -0.58 -22.25
CA ILE C 161 -20.87 -0.16 -22.76
C ILE C 161 -20.66 0.58 -24.07
N PHE C 162 -21.27 0.08 -25.15
CA PHE C 162 -21.14 0.68 -26.47
C PHE C 162 -19.68 0.78 -26.92
N GLY C 163 -18.90 -0.24 -26.59
CA GLY C 163 -17.48 -0.25 -26.93
C GLY C 163 -16.67 0.76 -26.14
N ILE C 164 -17.26 1.31 -25.09
CA ILE C 164 -16.52 2.22 -24.20
C ILE C 164 -16.16 1.49 -22.92
N GLU C 165 -14.93 1.64 -22.46
CA GLU C 165 -14.56 1.03 -21.19
C GLU C 165 -14.84 2.06 -20.11
N SER C 166 -15.86 1.79 -19.31
CA SER C 166 -16.24 2.68 -18.22
C SER C 166 -15.49 2.24 -16.99
N GLN C 167 -14.65 3.13 -16.47
CA GLN C 167 -13.87 2.84 -15.27
C GLN C 167 -14.61 3.51 -14.12
N GLY C 168 -15.28 2.71 -13.30
CA GLY C 168 -16.18 3.25 -12.30
C GLY C 168 -17.51 3.69 -12.89
N MET C 169 -18.50 3.89 -12.02
CA MET C 169 -19.80 4.41 -12.44
C MET C 169 -20.17 5.58 -11.54
N ILE C 170 -20.92 6.55 -12.08
CA ILE C 170 -21.37 7.68 -11.25
C ILE C 170 -22.55 7.26 -10.37
N LEU C 171 -22.76 8.01 -9.29
CA LEU C 171 -23.93 7.82 -8.45
C LEU C 171 -25.07 8.70 -8.97
N ALA C 172 -26.28 8.14 -8.95
CA ALA C 172 -27.48 8.90 -9.31
C ALA C 172 -28.61 8.54 -8.36
N ALA C 173 -29.43 9.54 -8.02
CA ALA C 173 -30.59 9.31 -7.17
C ALA C 173 -31.87 9.56 -7.93
N SER C 174 -32.87 8.70 -7.72
CA SER C 174 -34.17 8.85 -8.36
C SER C 174 -35.31 8.61 -7.39
N ASP C 175 -36.28 9.52 -7.38
CA ASP C 175 -37.46 9.36 -6.53
C ASP C 175 -38.61 8.75 -7.32
N GLY C 176 -38.35 8.44 -8.59
CA GLY C 176 -39.35 7.86 -9.46
C GLY C 176 -39.85 8.82 -10.52
N GLU C 177 -39.49 10.08 -10.38
CA GLU C 177 -39.82 11.13 -11.35
C GLU C 177 -38.55 11.84 -11.76
N ASN C 178 -37.89 12.45 -10.77
CA ASN C 178 -36.67 13.23 -11.00
C ASN C 178 -35.39 12.40 -10.83
N LEU C 179 -34.38 12.71 -11.65
CA LEU C 179 -33.07 12.09 -11.52
C LEU C 179 -32.05 13.16 -11.13
N SER C 180 -31.09 12.81 -10.27
CA SER C 180 -30.06 13.77 -9.88
C SER C 180 -28.69 13.14 -9.69
N VAL C 181 -27.64 13.82 -10.18
CA VAL C 181 -26.28 13.45 -9.86
C VAL C 181 -25.95 13.85 -8.43
N ILE C 182 -24.91 13.25 -7.85
CA ILE C 182 -24.58 13.48 -6.45
C ILE C 182 -23.34 14.37 -6.29
N VAL C 183 -23.44 15.41 -5.46
CA VAL C 183 -22.37 16.41 -5.32
C VAL C 183 -22.04 16.69 -3.85
N PRO C 184 -20.84 17.23 -3.58
CA PRO C 184 -20.52 17.63 -2.21
C PRO C 184 -21.23 18.92 -1.84
N ASP C 185 -21.65 19.06 -0.58
CA ASP C 185 -22.32 20.26 -0.11
C ASP C 185 -21.39 21.46 -0.18
N ARG C 186 -20.11 21.21 0.07
CA ARG C 186 -19.09 22.24 0.13
C ARG C 186 -17.96 21.86 -0.82
N ASP C 187 -17.09 22.82 -1.10
CA ASP C 187 -15.99 22.57 -2.02
C ASP C 187 -15.00 21.59 -1.40
N VAL C 188 -14.78 20.47 -2.08
CA VAL C 188 -13.76 19.51 -1.68
C VAL C 188 -12.93 19.17 -2.92
N LYS C 189 -11.68 18.80 -2.67
CA LYS C 189 -10.74 18.51 -3.75
C LYS C 189 -11.02 17.24 -4.61
N GLU C 190 -10.58 17.29 -5.86
CA GLU C 190 -10.71 16.13 -6.73
C GLU C 190 -10.01 14.92 -6.10
N GLY C 191 -10.69 13.78 -6.12
CA GLY C 191 -10.12 12.55 -5.59
C GLY C 191 -10.39 12.36 -4.11
N ALA C 192 -11.13 13.30 -3.52
CA ALA C 192 -11.52 13.19 -2.13
C ALA C 192 -12.29 11.89 -1.91
N LYS C 193 -11.83 11.08 -0.95
CA LYS C 193 -12.47 9.81 -0.65
C LYS C 193 -13.54 10.02 0.42
N LEU C 194 -14.74 9.51 0.16
CA LEU C 194 -15.86 9.70 1.08
C LEU C 194 -15.81 8.75 2.27
N SER C 195 -16.30 9.23 3.42
CA SER C 195 -16.33 8.43 4.63
C SER C 195 -17.66 8.60 5.35
N ALA C 196 -17.93 7.72 6.30
CA ALA C 196 -19.03 7.94 7.23
C ALA C 196 -18.54 8.93 8.27
N ALA C 197 -19.39 9.88 8.63
CA ALA C 197 -18.97 10.87 9.61
C ALA C 197 -19.34 10.34 10.99
N LEU C 198 -18.30 9.98 11.75
CA LEU C 198 -18.47 9.28 13.01
C LEU C 198 -17.48 9.80 14.05
N GLU C 199 -17.98 10.03 15.26
CA GLU C 199 -17.14 10.40 16.40
C GLU C 199 -17.68 9.73 17.65
N ARG D 20 -0.56 -30.43 -45.07
CA ARG D 20 -1.23 -31.69 -45.36
C ARG D 20 -1.44 -32.50 -44.09
N PHE D 21 -0.48 -33.35 -43.76
CA PHE D 21 -0.50 -34.07 -42.48
C PHE D 21 -0.03 -33.10 -41.40
N ASN D 22 0.74 -32.11 -41.83
CA ASN D 22 1.16 -31.00 -40.99
C ASN D 22 -0.05 -30.36 -40.32
N ILE D 23 -1.05 -30.08 -41.16
CA ILE D 23 -2.33 -29.52 -40.75
C ILE D 23 -2.96 -30.30 -39.60
N ASN D 24 -3.01 -31.63 -39.74
CA ASN D 24 -3.65 -32.48 -38.74
C ASN D 24 -2.83 -32.62 -37.46
N ASP D 25 -1.51 -32.64 -37.61
CA ASP D 25 -0.61 -32.57 -36.45
C ASP D 25 -0.98 -31.35 -35.61
N ARG D 26 -0.99 -30.20 -36.27
CA ARG D 26 -1.29 -28.93 -35.60
C ARG D 26 -2.71 -28.90 -35.00
N ILE D 27 -3.67 -29.50 -35.71
CA ILE D 27 -5.04 -29.56 -35.21
C ILE D 27 -5.13 -30.41 -33.92
N LYS D 28 -4.37 -31.49 -33.85
CA LYS D 28 -4.30 -32.28 -32.63
C LYS D 28 -3.66 -31.48 -31.48
N GLU D 29 -2.56 -30.79 -31.78
CA GLU D 29 -1.93 -29.91 -30.79
C GLU D 29 -2.94 -28.92 -30.23
N LEU D 30 -3.72 -28.32 -31.14
CA LEU D 30 -4.83 -27.44 -30.77
C LEU D 30 -5.79 -28.18 -29.86
N GLY D 31 -6.01 -29.47 -30.15
CA GLY D 31 -6.85 -30.30 -29.30
C GLY D 31 -6.33 -30.33 -27.87
N THR D 32 -5.01 -30.35 -27.71
CA THR D 32 -4.42 -30.37 -26.37
C THR D 32 -4.40 -29.01 -25.66
N LEU D 33 -4.22 -27.93 -26.42
CA LEU D 33 -4.17 -26.59 -25.83
C LEU D 33 -5.51 -26.12 -25.27
N ILE D 34 -6.59 -26.77 -25.71
CA ILE D 34 -7.95 -26.26 -25.55
C ILE D 34 -8.66 -26.69 -24.25
N PRO D 35 -9.55 -25.82 -23.73
CA PRO D 35 -10.39 -26.18 -22.58
C PRO D 35 -11.45 -27.22 -22.96
N LYS D 36 -11.70 -28.17 -22.07
CA LYS D 36 -12.70 -29.20 -22.33
C LYS D 36 -14.02 -28.91 -21.61
N MET D 42 -14.70 -36.95 -24.16
CA MET D 42 -15.37 -36.41 -25.34
C MET D 42 -14.94 -36.97 -26.72
N ARG D 43 -13.68 -37.36 -26.85
CA ARG D 43 -13.15 -37.92 -28.10
C ARG D 43 -13.51 -37.10 -29.35
N TRP D 44 -13.20 -35.81 -29.30
CA TRP D 44 -13.58 -34.85 -30.34
C TRP D 44 -12.90 -35.08 -31.69
N ASN D 45 -13.50 -34.55 -32.75
CA ASN D 45 -12.89 -34.55 -34.07
C ASN D 45 -12.33 -33.19 -34.48
N LYS D 46 -11.80 -33.11 -35.70
CA LYS D 46 -11.17 -31.88 -36.22
C LYS D 46 -12.05 -30.63 -36.15
N GLY D 47 -13.27 -30.75 -36.68
CA GLY D 47 -14.19 -29.63 -36.74
C GLY D 47 -14.49 -28.99 -35.40
N THR D 48 -14.79 -29.82 -34.40
CA THR D 48 -15.08 -29.34 -33.06
C THR D 48 -13.85 -28.73 -32.39
N ILE D 49 -12.69 -29.36 -32.59
CA ILE D 49 -11.42 -28.83 -32.11
C ILE D 49 -11.20 -27.42 -32.64
N LEU D 50 -11.41 -27.24 -33.94
CA LEU D 50 -11.23 -25.95 -34.58
C LEU D 50 -12.24 -24.89 -34.12
N LYS D 51 -13.52 -25.28 -34.06
CA LYS D 51 -14.57 -24.38 -33.59
C LYS D 51 -14.26 -23.88 -32.17
N ALA D 52 -13.91 -24.82 -31.31
CA ALA D 52 -13.50 -24.50 -29.94
C ALA D 52 -12.24 -23.64 -29.93
N SER D 53 -11.38 -23.82 -30.91
CA SER D 53 -10.16 -23.00 -31.03
C SER D 53 -10.52 -21.55 -31.30
N VAL D 54 -11.42 -21.34 -32.27
CA VAL D 54 -11.91 -20.01 -32.59
C VAL D 54 -12.54 -19.33 -31.38
N ASP D 55 -13.51 -20.00 -30.77
CA ASP D 55 -14.19 -19.48 -29.58
C ASP D 55 -13.20 -19.11 -28.46
N TYR D 56 -12.31 -20.05 -28.17
CA TYR D 56 -11.30 -19.87 -27.13
C TYR D 56 -10.41 -18.66 -27.42
N ILE D 57 -10.01 -18.50 -28.68
CA ILE D 57 -9.17 -17.36 -29.05
C ILE D 57 -9.89 -16.02 -28.90
N ARG D 58 -11.18 -15.97 -29.26
CA ARG D 58 -11.96 -14.75 -29.03
C ARG D 58 -12.04 -14.39 -27.53
N LYS D 59 -12.47 -15.37 -26.73
CA LYS D 59 -12.57 -15.22 -25.28
C LYS D 59 -11.24 -14.69 -24.72
N LEU D 60 -10.17 -15.37 -25.07
CA LEU D 60 -8.81 -14.98 -24.69
C LEU D 60 -8.48 -13.55 -25.13
N GLN D 61 -9.04 -13.13 -26.26
CA GLN D 61 -8.77 -11.78 -26.76
C GLN D 61 -9.41 -10.71 -25.86
N ARG D 62 -10.67 -10.89 -25.51
CA ARG D 62 -11.31 -9.94 -24.58
C ARG D 62 -10.60 -9.91 -23.22
N GLU D 63 -10.31 -11.10 -22.70
CA GLU D 63 -9.63 -11.20 -21.41
C GLU D 63 -8.24 -10.55 -21.45
N GLN D 64 -7.56 -10.66 -22.59
CA GLN D 64 -6.28 -9.99 -22.82
C GLN D 64 -6.48 -8.48 -22.75
N GLN D 65 -7.58 -8.02 -23.35
CA GLN D 65 -7.95 -6.61 -23.26
C GLN D 65 -8.04 -6.14 -21.81
N ARG D 66 -8.63 -6.93 -20.91
CA ARG D 66 -8.60 -6.57 -19.49
C ARG D 66 -7.17 -6.62 -18.90
N ALA D 67 -6.43 -7.64 -19.33
CA ALA D 67 -5.07 -7.87 -18.86
C ALA D 67 -4.15 -6.66 -19.06
N LYS D 68 -4.26 -6.00 -20.21
CA LYS D 68 -3.44 -4.81 -20.48
C LYS D 68 -3.57 -3.73 -19.40
N GLU D 69 -4.82 -3.37 -19.08
CA GLU D 69 -5.11 -2.40 -18.04
C GLU D 69 -4.57 -2.87 -16.69
N LEU D 70 -4.77 -4.15 -16.39
CA LEU D 70 -4.19 -4.70 -15.14
C LEU D 70 -2.67 -4.50 -15.07
N GLU D 71 -1.99 -4.71 -16.20
CA GLU D 71 -0.54 -4.53 -16.26
C GLU D 71 -0.10 -3.06 -16.05
N ASN D 72 -0.74 -2.13 -16.76
CA ASN D 72 -0.44 -0.71 -16.57
C ASN D 72 -0.61 -0.26 -15.11
N ARG D 73 -1.77 -0.58 -14.55
CA ARG D 73 -2.02 -0.24 -13.15
C ARG D 73 -1.02 -0.93 -12.22
N GLN D 74 -0.58 -2.13 -12.60
CA GLN D 74 0.46 -2.82 -11.85
C GLN D 74 1.74 -1.99 -11.81
N LYS D 75 2.12 -1.43 -12.95
CA LYS D 75 3.26 -0.52 -13.01
C LYS D 75 3.11 0.64 -12.02
N LYS D 76 2.01 1.38 -12.16
CA LYS D 76 1.77 2.53 -11.28
C LYS D 76 1.81 2.16 -9.78
N LEU D 77 1.23 1.02 -9.44
CA LEU D 77 1.18 0.55 -8.05
C LEU D 77 2.55 0.11 -7.54
N GLU D 78 3.39 -0.42 -8.43
CA GLU D 78 4.76 -0.74 -8.06
C GLU D 78 5.52 0.54 -7.69
N HIS D 79 5.35 1.58 -8.52
CA HIS D 79 5.92 2.89 -8.19
C HIS D 79 5.49 3.37 -6.80
N ALA D 80 4.17 3.45 -6.62
CA ALA D 80 3.58 3.88 -5.36
C ALA D 80 4.11 3.08 -4.17
N CYS D 81 4.30 1.79 -4.40
CA CYS D 81 4.76 0.89 -3.35
C CYS D 81 6.20 1.13 -2.93
N ARG D 82 7.10 1.32 -3.90
CA ARG D 82 8.47 1.70 -3.52
C ARG D 82 8.43 2.99 -2.68
N HIS D 83 7.79 4.01 -3.25
CA HIS D 83 7.76 5.32 -2.60
C HIS D 83 7.19 5.30 -1.17
N LEU D 84 6.11 4.55 -0.95
CA LEU D 84 5.54 4.43 0.39
C LEU D 84 6.39 3.52 1.28
N LEU D 85 7.12 2.60 0.65
CA LEU D 85 8.02 1.70 1.38
C LEU D 85 9.05 2.53 2.09
N LEU D 86 9.39 3.69 1.53
CA LEU D 86 10.25 4.63 2.27
C LEU D 86 9.76 5.00 3.69
N ARG D 87 8.45 5.05 3.92
CA ARG D 87 7.86 5.46 5.19
C ARG D 87 7.59 4.36 6.21
N ILE D 88 7.94 3.15 5.89
CA ILE D 88 7.72 2.02 6.80
C ILE D 88 9.06 1.43 7.24
N GLN D 89 9.44 1.63 8.50
CA GLN D 89 10.64 0.94 8.98
C GLN D 89 10.27 -0.05 10.08
N GLU D 90 10.13 -1.31 9.67
CA GLU D 90 9.87 -2.43 10.58
C GLU D 90 11.00 -3.43 10.79
N LEU D 91 12.12 -3.23 10.08
CA LEU D 91 13.13 -4.29 9.98
C LEU D 91 13.93 -4.47 11.26
N GLY D 92 13.91 -5.68 11.81
CA GLY D 92 14.80 -6.04 12.90
C GLY D 92 16.17 -6.30 12.31
N ILE D 93 17.21 -6.08 13.10
CA ILE D 93 18.57 -6.23 12.58
C ILE D 93 19.04 -7.68 12.49
N GLU D 94 18.35 -8.57 13.21
CA GLU D 94 18.63 -10.00 13.13
C GLU D 94 17.97 -10.57 11.88
N ASP D 95 16.96 -9.85 11.37
CA ASP D 95 16.38 -10.15 10.07
C ASP D 95 17.38 -9.77 9.00
N PHE D 96 18.07 -8.65 9.20
CA PHE D 96 19.10 -8.19 8.30
C PHE D 96 20.29 -9.15 8.31
N LEU D 97 20.59 -9.68 9.50
CA LEU D 97 21.69 -10.62 9.67
C LEU D 97 21.49 -11.94 8.93
N LYS D 98 20.27 -12.16 8.44
CA LYS D 98 19.95 -13.38 7.69
C LYS D 98 20.44 -13.27 6.24
N VAL D 99 20.85 -12.07 5.85
CA VAL D 99 21.34 -11.83 4.52
C VAL D 99 22.86 -11.67 4.56
N ASP D 100 23.56 -12.42 3.71
CA ASP D 100 25.01 -12.28 3.62
C ASP D 100 25.35 -11.46 2.38
N LEU D 101 25.76 -10.22 2.61
CA LEU D 101 26.12 -9.31 1.53
C LEU D 101 27.64 -9.14 1.54
N ARG D 102 28.27 -9.42 0.41
CA ARG D 102 29.73 -9.43 0.37
C ARG D 102 30.32 -8.80 -0.88
N VAL D 103 31.51 -8.22 -0.73
CA VAL D 103 32.29 -7.72 -1.85
C VAL D 103 33.00 -8.90 -2.52
N ALA D 104 32.92 -8.96 -3.84
CA ALA D 104 33.53 -10.05 -4.60
C ALA D 104 34.29 -9.47 -5.78
N LYS D 105 35.35 -10.14 -6.21
CA LYS D 105 36.08 -9.69 -7.39
C LYS D 105 35.62 -10.48 -8.61
N VAL D 106 35.53 -9.82 -9.76
CA VAL D 106 35.11 -10.52 -10.97
C VAL D 106 36.35 -11.07 -11.67
N LEU D 107 36.49 -12.39 -11.62
CA LEU D 107 37.61 -13.08 -12.23
C LEU D 107 37.38 -13.29 -13.73
N SER D 108 36.16 -13.68 -14.09
CA SER D 108 35.84 -13.89 -15.49
C SER D 108 34.41 -13.50 -15.81
N ALA D 109 34.24 -12.87 -16.97
CA ALA D 109 32.92 -12.48 -17.45
C ALA D 109 32.75 -12.99 -18.87
N GLU D 110 31.70 -13.78 -19.09
CA GLU D 110 31.43 -14.32 -20.41
C GLU D 110 29.93 -14.27 -20.69
N ARG D 111 29.59 -13.98 -21.95
CA ARG D 111 28.19 -13.98 -22.35
C ARG D 111 27.68 -15.42 -22.46
N VAL D 112 26.36 -15.57 -22.41
CA VAL D 112 25.73 -16.88 -22.39
C VAL D 112 25.05 -17.17 -23.72
N GLU D 113 25.06 -18.45 -24.12
CA GLU D 113 24.46 -18.87 -25.40
C GLU D 113 22.94 -18.84 -25.37
N GLY D 114 22.34 -18.23 -26.39
CA GLY D 114 20.89 -18.16 -26.48
C GLY D 114 20.24 -17.08 -25.64
N SER D 115 21.02 -16.05 -25.27
CA SER D 115 20.47 -14.94 -24.50
C SER D 115 21.17 -13.61 -24.77
N GLU D 116 20.39 -12.54 -24.81
CA GLU D 116 20.92 -11.18 -24.85
C GLU D 116 20.87 -10.62 -23.44
N LYS D 117 20.38 -11.44 -22.51
CA LYS D 117 20.09 -11.03 -21.14
C LYS D 117 21.20 -11.35 -20.15
N LEU D 118 21.51 -12.63 -20.01
CA LEU D 118 22.43 -13.08 -18.97
C LEU D 118 23.93 -12.96 -19.29
N LEU D 119 24.72 -12.83 -18.22
CA LEU D 119 26.16 -12.94 -18.27
C LEU D 119 26.57 -14.02 -17.29
N LYS D 120 27.63 -14.75 -17.63
CA LYS D 120 28.17 -15.77 -16.74
C LYS D 120 29.43 -15.24 -16.07
N LEU D 121 29.32 -14.97 -14.78
CA LEU D 121 30.42 -14.36 -14.04
C LEU D 121 31.08 -15.38 -13.10
N THR D 122 32.41 -15.34 -13.03
CA THR D 122 33.14 -16.10 -12.02
C THR D 122 33.68 -15.09 -11.01
N LEU D 123 33.57 -15.42 -9.73
CA LEU D 123 33.80 -14.45 -8.66
C LEU D 123 34.73 -15.00 -7.60
N SER D 124 35.45 -14.10 -6.95
CA SER D 124 36.30 -14.47 -5.83
C SER D 124 35.82 -13.77 -4.57
N LEU D 125 35.50 -14.57 -3.55
CA LEU D 125 35.27 -14.07 -2.20
C LEU D 125 36.62 -14.21 -1.49
N GLY D 126 37.59 -14.70 -2.25
CA GLY D 126 39.00 -14.73 -1.89
C GLY D 126 39.48 -15.97 -1.18
N ASP D 127 38.60 -16.65 -0.44
CA ASP D 127 38.90 -18.00 -0.01
C ASP D 127 38.12 -19.06 -0.80
N GLU D 128 37.23 -18.61 -1.68
CA GLU D 128 36.41 -19.52 -2.47
C GLU D 128 35.94 -18.82 -3.73
N GLU D 129 35.55 -19.61 -4.74
CA GLU D 129 35.13 -19.03 -6.00
C GLU D 129 33.71 -19.40 -6.42
N ARG D 130 32.94 -18.38 -6.79
CA ARG D 130 31.53 -18.55 -7.10
C ARG D 130 31.30 -18.44 -8.59
N THR D 131 30.31 -19.16 -9.10
CA THR D 131 29.79 -18.87 -10.44
C THR D 131 28.40 -18.27 -10.28
N VAL D 132 28.22 -17.06 -10.82
CA VAL D 132 26.95 -16.36 -10.73
C VAL D 132 26.46 -15.98 -12.11
N VAL D 133 25.26 -16.44 -12.45
CA VAL D 133 24.60 -16.06 -13.69
C VAL D 133 23.72 -14.83 -13.44
N ALA D 134 24.03 -13.70 -14.07
CA ALA D 134 23.36 -12.44 -13.74
C ALA D 134 22.67 -11.78 -14.93
N GLY D 135 21.69 -10.92 -14.65
CA GLY D 135 20.84 -10.34 -15.69
C GLY D 135 21.33 -9.05 -16.33
N ILE D 136 22.64 -8.83 -16.26
CA ILE D 136 23.23 -7.53 -16.61
C ILE D 136 23.79 -7.34 -18.03
N ALA D 137 23.68 -8.33 -18.91
CA ALA D 137 24.35 -8.26 -20.21
C ALA D 137 24.02 -7.05 -21.09
N LYS D 138 22.83 -6.47 -20.91
CA LYS D 138 22.41 -5.34 -21.72
C LYS D 138 23.19 -4.06 -21.39
N TYR D 139 23.41 -3.83 -20.10
CA TYR D 139 24.03 -2.62 -19.59
C TYR D 139 25.52 -2.77 -19.27
N TYR D 140 26.03 -3.99 -19.34
CA TYR D 140 27.43 -4.23 -19.04
C TYR D 140 28.08 -5.22 -20.01
N THR D 141 29.16 -4.78 -20.63
CA THR D 141 30.00 -5.67 -21.41
C THR D 141 30.84 -6.48 -20.43
N PRO D 142 31.26 -7.70 -20.83
CA PRO D 142 32.12 -8.50 -19.95
C PRO D 142 33.44 -7.80 -19.64
N GLU D 143 33.94 -7.01 -20.59
CA GLU D 143 35.20 -6.29 -20.41
C GLU D 143 35.09 -5.18 -19.36
N GLU D 144 33.92 -4.57 -19.26
CA GLU D 144 33.64 -3.59 -18.22
C GLU D 144 33.81 -4.25 -16.85
N LEU D 145 33.33 -5.49 -16.75
CA LEU D 145 33.25 -6.19 -15.48
C LEU D 145 34.53 -6.87 -14.98
N VAL D 146 35.38 -7.33 -15.91
CA VAL D 146 36.55 -8.11 -15.52
C VAL D 146 37.48 -7.36 -14.55
N GLY D 147 37.84 -8.03 -13.46
CA GLY D 147 38.70 -7.42 -12.46
C GLY D 147 37.99 -6.51 -11.47
N LYS D 148 36.73 -6.19 -11.78
CA LYS D 148 35.97 -5.25 -10.94
C LYS D 148 35.43 -5.91 -9.67
N LYS D 149 35.36 -5.14 -8.58
CA LYS D 149 34.76 -5.61 -7.34
C LYS D 149 33.32 -5.10 -7.20
N ILE D 150 32.40 -6.01 -6.92
CA ILE D 150 30.99 -5.70 -6.84
C ILE D 150 30.36 -6.33 -5.60
N VAL D 151 29.19 -5.85 -5.21
CA VAL D 151 28.49 -6.39 -4.04
C VAL D 151 27.45 -7.44 -4.43
N ILE D 152 27.54 -8.61 -3.82
CA ILE D 152 26.63 -9.72 -4.11
C ILE D 152 25.89 -10.20 -2.85
N VAL D 153 24.81 -10.94 -3.06
CA VAL D 153 24.17 -11.68 -1.98
C VAL D 153 24.82 -13.06 -2.02
N ALA D 154 25.71 -13.35 -1.12
CA ALA D 154 26.45 -14.61 -1.09
C ALA D 154 25.74 -15.92 -0.69
N ASN D 155 24.83 -15.86 0.27
CA ASN D 155 24.24 -17.05 0.85
C ASN D 155 23.04 -17.66 0.15
N LEU D 156 23.31 -18.29 -0.95
CA LEU D 156 22.28 -18.85 -1.76
C LEU D 156 22.63 -20.28 -2.11
N LYS D 157 21.61 -21.07 -2.27
CA LYS D 157 21.75 -22.42 -2.73
C LYS D 157 22.15 -22.44 -4.19
N PRO D 158 23.08 -23.29 -4.55
CA PRO D 158 23.45 -23.36 -5.96
C PRO D 158 22.24 -23.76 -6.78
N ARG D 159 21.94 -23.01 -7.83
CA ARG D 159 20.79 -23.34 -8.67
C ARG D 159 21.12 -23.06 -10.13
N LYS D 160 20.79 -24.01 -10.99
CA LYS D 160 21.04 -23.83 -12.41
C LYS D 160 20.24 -22.66 -12.97
N ILE D 161 20.93 -21.79 -13.71
CA ILE D 161 20.27 -20.75 -14.49
C ILE D 161 20.80 -20.87 -15.91
N PHE D 162 19.90 -21.14 -16.85
CA PHE D 162 20.26 -21.38 -18.25
C PHE D 162 21.18 -22.59 -18.40
N GLY D 163 21.06 -23.52 -17.45
CA GLY D 163 21.87 -24.73 -17.46
C GLY D 163 23.20 -24.53 -16.79
N ILE D 164 23.49 -23.30 -16.38
CA ILE D 164 24.71 -22.99 -15.65
C ILE D 164 24.38 -22.86 -14.17
N GLU D 165 25.08 -23.63 -13.34
CA GLU D 165 24.86 -23.52 -11.90
C GLU D 165 25.35 -22.18 -11.38
N SER D 166 24.45 -21.49 -10.68
CA SER D 166 24.72 -20.15 -10.17
C SER D 166 24.57 -20.16 -8.66
N GLN D 167 25.64 -19.78 -7.96
CA GLN D 167 25.51 -19.56 -6.52
C GLN D 167 25.76 -18.09 -6.23
N GLY D 168 24.70 -17.33 -6.08
CA GLY D 168 24.81 -15.94 -5.67
C GLY D 168 23.74 -15.11 -6.37
N MET D 169 23.67 -13.83 -6.03
CA MET D 169 22.91 -12.86 -6.81
C MET D 169 23.65 -11.54 -6.73
N ILE D 170 23.76 -10.82 -7.84
CA ILE D 170 24.47 -9.54 -7.82
C ILE D 170 23.51 -8.35 -7.65
N LEU D 171 23.88 -7.43 -6.76
CA LEU D 171 23.04 -6.28 -6.44
C LEU D 171 23.03 -5.27 -7.57
N ALA D 172 21.88 -4.59 -7.75
CA ALA D 172 21.78 -3.58 -8.81
C ALA D 172 20.78 -2.47 -8.51
N ALA D 173 20.96 -1.33 -9.18
CA ALA D 173 20.02 -0.23 -9.12
C ALA D 173 19.72 0.24 -10.53
N SER D 174 18.51 0.74 -10.76
CA SER D 174 18.09 1.11 -12.10
C SER D 174 17.90 2.62 -12.25
N ASP D 175 16.88 3.13 -11.56
CA ASP D 175 16.41 4.51 -11.68
C ASP D 175 15.71 4.78 -13.03
N GLY D 176 15.85 3.83 -13.94
CA GLY D 176 15.43 4.01 -15.31
C GLY D 176 15.71 2.74 -16.10
N GLU D 177 15.86 2.86 -17.40
CA GLU D 177 16.07 1.71 -18.27
C GLU D 177 17.53 1.27 -18.18
N ASN D 178 18.29 1.95 -17.32
CA ASN D 178 19.69 1.61 -17.07
C ASN D 178 19.86 0.58 -15.95
N LEU D 179 21.11 0.19 -15.72
CA LEU D 179 21.46 -0.72 -14.62
C LEU D 179 22.81 -0.32 -14.07
N SER D 180 22.92 -0.28 -12.74
CA SER D 180 24.22 -0.08 -12.10
C SER D 180 24.46 -1.19 -11.10
N VAL D 181 25.65 -1.78 -11.13
CA VAL D 181 26.02 -2.75 -10.10
C VAL D 181 26.41 -1.99 -8.84
N ILE D 182 26.69 -2.69 -7.76
CA ILE D 182 26.96 -2.01 -6.50
C ILE D 182 28.43 -2.19 -6.11
N VAL D 183 29.06 -1.11 -5.68
CA VAL D 183 30.52 -1.05 -5.62
C VAL D 183 31.04 -0.46 -4.30
N PRO D 184 32.16 -1.02 -3.79
CA PRO D 184 32.79 -0.44 -2.59
C PRO D 184 33.37 0.93 -2.92
N ASP D 185 33.12 1.93 -2.09
CA ASP D 185 33.63 3.27 -2.34
C ASP D 185 35.16 3.30 -2.34
N ARG D 186 35.75 2.40 -1.56
CA ARG D 186 37.20 2.28 -1.49
C ARG D 186 37.60 0.83 -1.69
N ASP D 187 38.88 0.59 -1.93
CA ASP D 187 39.35 -0.77 -2.15
C ASP D 187 39.42 -1.58 -0.86
N VAL D 188 38.77 -2.73 -0.85
CA VAL D 188 38.83 -3.68 0.25
C VAL D 188 39.00 -5.07 -0.33
N LYS D 189 39.52 -6.00 0.46
CA LYS D 189 39.74 -7.35 -0.03
C LYS D 189 38.42 -8.07 -0.27
N GLU D 190 38.40 -8.93 -1.29
CA GLU D 190 37.21 -9.71 -1.62
C GLU D 190 36.83 -10.60 -0.44
N GLY D 191 35.52 -10.80 -0.25
CA GLY D 191 35.04 -11.61 0.86
C GLY D 191 34.65 -10.76 2.05
N ALA D 192 34.97 -9.48 1.99
CA ALA D 192 34.60 -8.55 3.05
C ALA D 192 33.08 -8.46 3.13
N LYS D 193 32.54 -8.73 4.33
CA LYS D 193 31.11 -8.72 4.54
C LYS D 193 30.65 -7.29 4.78
N LEU D 194 29.50 -6.94 4.21
CA LEU D 194 28.90 -5.63 4.46
C LEU D 194 28.12 -5.68 5.78
N SER D 195 28.28 -4.64 6.60
CA SER D 195 27.61 -4.60 7.90
C SER D 195 26.88 -3.29 8.13
N ALA D 196 25.77 -3.35 8.85
CA ALA D 196 25.04 -2.14 9.22
C ALA D 196 25.46 -1.69 10.61
N ALA D 197 26.35 -2.44 11.24
CA ALA D 197 26.79 -2.16 12.60
C ALA D 197 27.66 -0.91 12.70
N LEU D 198 27.54 -0.21 13.84
CA LEU D 198 28.47 0.86 14.17
C LEU D 198 29.81 0.22 14.48
N GLU D 199 29.76 -1.03 14.94
CA GLU D 199 30.93 -1.82 15.30
C GLU D 199 31.73 -1.16 16.42
S SO4 E . -5.62 13.28 0.49
O1 SO4 E . -4.52 13.14 1.38
O2 SO4 E . -6.63 14.06 1.15
O3 SO4 E . -5.19 13.97 -0.69
O4 SO4 E . -6.11 12.00 0.16
S SO4 F . -11.24 23.62 -7.71
O1 SO4 F . -9.85 23.78 -7.32
O2 SO4 F . -12.07 24.21 -6.67
O3 SO4 F . -11.56 24.30 -8.93
O4 SO4 F . -11.50 22.21 -7.88
S SO4 G . 10.79 5.14 -8.81
O1 SO4 G . 12.13 5.67 -8.75
O2 SO4 G . 10.54 4.21 -7.74
O3 SO4 G . 10.49 4.49 -10.05
O4 SO4 G . 9.99 6.32 -8.83
#